data_1MA1
#
_entry.id   1MA1
#
_cell.length_a   187.619
_cell.length_b   114.082
_cell.length_c   58.087
_cell.angle_alpha   90.00
_cell.angle_beta   94.95
_cell.angle_gamma   90.00
#
_symmetry.space_group_name_H-M   'C 1 2 1'
#
loop_
_entity.id
_entity.type
_entity.pdbx_description
1 polymer 'superoxide dismutase'
2 non-polymer 'FE (III) ION'
3 water water
#
_entity_poly.entity_id   1
_entity_poly.type   'polypeptide(L)'
_entity_poly.pdbx_seq_one_letter_code
;MNDLEKKFYELPELPYPYDALEPHISREQLTIHHQKHHQAYVDGANALLRKLDEARESDTDVDIKAALKELSFHVGGYVL
HLFFWGNMGPADECGGEPSGKLAEYIEKDFGSFERFRKEFSQAAISAEGSGWAVLTYCQRTDRLFIMQVEKHNVNVIPHF
RILLVLDVWEHAYYIDYRNVRPDYVEAFWNIVNWKEVEKRFEDIL
;
_entity_poly.pdbx_strand_id   A,B,C,D,E,F
#
# COMPACT_ATOMS: atom_id res chain seq x y z
N GLU A 5 24.22 31.35 10.39
CA GLU A 5 23.09 30.37 10.39
C GLU A 5 23.38 29.08 11.17
N LYS A 6 22.30 28.42 11.62
CA LYS A 6 22.36 27.45 12.71
C LYS A 6 22.92 26.12 12.22
N LYS A 7 23.30 25.25 13.15
CA LYS A 7 23.89 23.98 12.78
C LYS A 7 23.40 22.86 13.70
N PHE A 8 23.33 21.64 13.17
CA PHE A 8 22.58 20.58 13.81
C PHE A 8 23.33 19.26 13.83
N TYR A 9 22.78 18.28 14.53
CA TYR A 9 23.43 16.99 14.65
C TYR A 9 23.06 16.13 13.44
N GLU A 10 24.01 15.30 13.01
CA GLU A 10 23.72 14.27 12.02
C GLU A 10 24.24 12.90 12.44
N LEU A 11 23.55 11.85 12.00
CA LEU A 11 24.02 10.49 12.23
C LEU A 11 25.35 10.29 11.53
N PRO A 12 26.42 10.03 12.29
CA PRO A 12 27.72 9.75 11.68
C PRO A 12 27.70 8.40 11.01
N GLU A 13 28.43 8.27 9.90
CA GLU A 13 28.63 6.98 9.27
C GLU A 13 29.44 6.12 10.22
N LEU A 14 29.24 4.80 10.17
CA LEU A 14 30.18 3.87 10.79
C LEU A 14 31.52 3.87 10.06
N PRO A 15 32.62 3.63 10.81
CA PRO A 15 33.97 3.48 10.28
C PRO A 15 34.16 2.21 9.43
N TYR A 16 33.09 1.45 9.23
CA TYR A 16 33.19 0.09 8.73
C TYR A 16 31.80 -0.46 8.42
N PRO A 17 31.72 -1.50 7.58
CA PRO A 17 30.43 -2.08 7.19
C PRO A 17 29.72 -2.78 8.34
N TYR A 18 28.40 -2.87 8.24
CA TYR A 18 27.56 -3.36 9.33
C TYR A 18 27.88 -4.79 9.74
N ASP A 19 28.67 -5.50 8.94
CA ASP A 19 29.00 -6.86 9.30
C ASP A 19 30.47 -6.93 9.68
N ALA A 20 31.08 -5.77 9.87
CA ALA A 20 32.51 -5.72 10.16
C ALA A 20 32.87 -6.35 11.52
N LEU A 21 31.87 -6.52 12.38
CA LEU A 21 32.14 -6.80 13.79
C LEU A 21 31.66 -8.19 14.17
N GLU A 22 31.14 -8.93 13.20
CA GLU A 22 30.77 -10.33 13.40
C GLU A 22 31.99 -11.16 13.69
N PRO A 23 31.84 -12.25 14.45
CA PRO A 23 30.58 -12.80 14.97
C PRO A 23 30.19 -12.19 16.30
N HIS A 24 30.95 -11.18 16.74
CA HIS A 24 30.86 -10.69 18.10
C HIS A 24 29.66 -9.76 18.28
N ILE A 25 29.53 -8.81 17.36
CA ILE A 25 28.27 -8.10 17.18
C ILE A 25 27.76 -8.35 15.77
N SER A 26 26.55 -8.87 15.68
CA SER A 26 25.98 -9.27 14.40
C SER A 26 25.60 -8.06 13.55
N ARG A 27 25.47 -8.30 12.25
CA ARG A 27 25.09 -7.27 11.32
C ARG A 27 23.74 -6.69 11.70
N GLU A 28 22.82 -7.57 12.08
CA GLU A 28 21.49 -7.12 12.48
C GLU A 28 21.59 -6.24 13.72
N GLN A 29 22.31 -6.74 14.73
CA GLN A 29 22.49 -6.03 15.98
C GLN A 29 23.03 -4.62 15.75
N LEU A 30 24.07 -4.53 14.92
CA LEU A 30 24.77 -3.28 14.69
C LEU A 30 23.89 -2.32 13.89
N THR A 31 23.15 -2.84 12.93
CA THR A 31 22.42 -2.00 12.01
C THR A 31 21.31 -1.25 12.73
N ILE A 32 20.58 -1.95 13.57
CA ILE A 32 19.50 -1.30 14.28
C ILE A 32 19.94 -0.39 15.45
N HIS A 33 21.02 -0.76 16.15
CA HIS A 33 21.62 0.11 17.16
C HIS A 33 21.96 1.44 16.51
N HIS A 34 22.61 1.38 15.35
CA HIS A 34 23.08 2.57 14.67
C HIS A 34 21.92 3.36 14.09
N GLN A 35 21.02 2.68 13.40
CA GLN A 35 20.10 3.38 12.50
C GLN A 35 18.82 3.75 13.18
N LYS A 36 18.50 3.04 14.24
CA LYS A 36 17.31 3.37 15.03
C LYS A 36 17.61 4.20 16.27
N HIS A 37 18.46 3.69 17.14
CA HIS A 37 18.68 4.32 18.43
C HIS A 37 19.59 5.54 18.31
N HIS A 38 20.77 5.36 17.74
CA HIS A 38 21.69 6.46 17.63
C HIS A 38 20.96 7.58 16.90
N GLN A 39 20.21 7.21 15.86
CA GLN A 39 19.42 8.18 15.11
C GLN A 39 18.41 8.91 16.01
N ALA A 40 17.82 8.18 16.93
CA ALA A 40 16.82 8.77 17.83
C ALA A 40 17.42 9.88 18.69
N TYR A 41 18.70 9.73 19.07
CA TYR A 41 19.36 10.77 19.85
C TYR A 41 19.72 12.00 19.02
N VAL A 42 20.18 11.79 17.79
CA VAL A 42 20.27 12.87 16.82
C VAL A 42 18.98 13.66 16.73
N ASP A 43 17.87 12.97 16.48
CA ASP A 43 16.60 13.68 16.31
C ASP A 43 16.14 14.30 17.61
N GLY A 44 16.35 13.60 18.72
CA GLY A 44 15.99 14.14 20.03
C GLY A 44 16.67 15.47 20.25
N ALA A 45 17.99 15.46 20.11
CA ALA A 45 18.80 16.64 20.35
C ALA A 45 18.41 17.77 19.40
N ASN A 46 18.15 17.43 18.14
CA ASN A 46 17.81 18.48 17.17
C ASN A 46 16.44 19.09 17.44
N ALA A 47 15.46 18.27 17.78
CA ALA A 47 14.12 18.79 18.05
C ALA A 47 14.23 19.81 19.14
N LEU A 48 15.09 19.52 20.11
CA LEU A 48 15.19 20.34 21.30
C LEU A 48 15.93 21.62 20.98
N LEU A 49 16.97 21.52 20.17
CA LEU A 49 17.68 22.71 19.73
C LEU A 49 16.71 23.66 19.04
N ARG A 50 15.87 23.13 18.16
CA ARG A 50 14.92 23.98 17.46
C ARG A 50 13.92 24.62 18.43
N LYS A 51 13.46 23.83 19.39
CA LYS A 51 12.56 24.33 20.42
C LYS A 51 13.18 25.55 21.14
N LEU A 52 14.43 25.43 21.55
CA LEU A 52 15.09 26.50 22.27
C LEU A 52 15.35 27.70 21.36
N ASP A 53 15.68 27.43 20.09
CA ASP A 53 15.87 28.50 19.11
C ASP A 53 14.59 29.29 18.92
N GLU A 54 13.49 28.57 18.74
CA GLU A 54 12.20 29.21 18.59
C GLU A 54 11.87 30.12 19.77
N ALA A 55 12.10 29.64 20.99
CA ALA A 55 11.72 30.42 22.16
C ALA A 55 12.56 31.70 22.20
N ARG A 56 13.79 31.61 21.73
CA ARG A 56 14.69 32.74 21.73
C ARG A 56 14.32 33.78 20.68
N GLU A 57 13.91 33.30 19.50
CA GLU A 57 13.51 34.20 18.42
C GLU A 57 12.20 34.90 18.75
N SER A 58 11.30 34.21 19.44
CA SER A 58 10.04 34.84 19.83
C SER A 58 10.15 35.40 21.24
N ASP A 59 11.35 35.39 21.78
CA ASP A 59 11.63 35.88 23.14
C ASP A 59 10.60 35.42 24.17
N THR A 60 10.23 34.15 24.11
CA THR A 60 9.25 33.60 25.03
C THR A 60 9.88 32.64 26.05
N ASP A 61 9.11 32.27 27.06
CA ASP A 61 9.64 31.45 28.15
C ASP A 61 9.64 30.00 27.71
N VAL A 62 10.62 29.24 28.19
CA VAL A 62 10.54 27.79 28.15
C VAL A 62 10.76 27.19 29.54
N ASP A 63 10.31 25.96 29.72
CA ASP A 63 10.72 25.17 30.87
C ASP A 63 12.16 24.66 30.70
N ILE A 64 13.15 25.41 31.19
CA ILE A 64 14.51 25.08 30.83
C ILE A 64 15.06 23.95 31.66
N LYS A 65 14.49 23.74 32.85
CA LYS A 65 14.81 22.57 33.65
C LYS A 65 14.54 21.32 32.83
N ALA A 66 13.31 21.19 32.35
CA ALA A 66 12.94 20.06 31.53
C ALA A 66 13.81 20.00 30.27
N ALA A 67 13.98 21.15 29.62
CA ALA A 67 14.73 21.21 28.38
C ALA A 67 16.17 20.72 28.55
N LEU A 68 16.86 21.24 29.57
CA LEU A 68 18.27 20.92 29.73
C LEU A 68 18.46 19.48 30.21
N LYS A 69 17.52 18.96 31.00
CA LYS A 69 17.59 17.55 31.39
C LYS A 69 17.50 16.67 30.16
N GLU A 70 16.54 16.97 29.30
CA GLU A 70 16.37 16.22 28.08
C GLU A 70 17.57 16.39 27.15
N LEU A 71 18.08 17.62 27.06
CA LEU A 71 19.19 17.90 26.17
C LEU A 71 20.39 17.08 26.58
N SER A 72 20.63 16.99 27.88
CA SER A 72 21.81 16.28 28.34
C SER A 72 21.66 14.79 28.01
N PHE A 73 20.42 14.31 28.04
CA PHE A 73 20.13 12.92 27.73
C PHE A 73 20.48 12.59 26.27
N HIS A 74 19.97 13.38 25.34
CA HIS A 74 20.12 13.08 23.92
C HIS A 74 21.49 13.38 23.40
N VAL A 75 22.08 14.47 23.86
CA VAL A 75 23.42 14.83 23.39
C VAL A 75 24.44 13.84 23.96
N GLY A 76 24.21 13.45 25.22
CA GLY A 76 24.94 12.35 25.80
C GLY A 76 24.82 11.05 25.02
N GLY A 77 23.58 10.69 24.68
CA GLY A 77 23.36 9.63 23.73
C GLY A 77 24.16 9.77 22.45
N TYR A 78 24.06 10.94 21.81
CA TYR A 78 24.78 11.18 20.58
C TYR A 78 26.29 11.03 20.75
N VAL A 79 26.84 11.70 21.77
CA VAL A 79 28.28 11.72 22.00
C VAL A 79 28.85 10.33 22.32
N LEU A 80 28.20 9.61 23.23
CA LEU A 80 28.68 8.28 23.62
C LEU A 80 28.64 7.25 22.48
N HIS A 81 27.57 7.25 21.67
CA HIS A 81 27.51 6.33 20.54
C HIS A 81 28.62 6.70 19.56
N LEU A 82 28.88 8.00 19.41
CA LEU A 82 29.95 8.43 18.52
C LEU A 82 31.31 7.82 18.88
N PHE A 83 31.70 7.92 20.15
CA PHE A 83 32.97 7.33 20.60
C PHE A 83 32.93 5.81 20.60
N PHE A 84 31.74 5.25 20.81
CA PHE A 84 31.56 3.80 20.88
C PHE A 84 31.94 3.17 19.55
N TRP A 85 31.30 3.63 18.47
CA TRP A 85 31.60 3.12 17.13
C TRP A 85 33.10 3.26 16.88
N GLY A 86 33.65 4.35 17.36
CA GLY A 86 35.01 4.68 17.02
C GLY A 86 36.06 3.81 17.70
N ASN A 87 35.74 3.28 18.89
CA ASN A 87 36.69 2.41 19.56
C ASN A 87 36.31 0.95 19.44
N MET A 88 35.64 0.61 18.34
CA MET A 88 35.57 -0.77 17.86
C MET A 88 36.06 -0.90 16.42
N GLY A 89 36.41 -2.12 16.03
CA GLY A 89 36.64 -2.42 14.63
C GLY A 89 36.71 -3.92 14.39
N PRO A 90 36.97 -4.34 13.15
CA PRO A 90 37.11 -5.76 12.77
C PRO A 90 38.03 -6.53 13.73
N ALA A 91 37.61 -7.73 14.10
CA ALA A 91 38.32 -8.51 15.12
C ALA A 91 39.77 -8.81 14.72
N ASP A 92 39.98 -8.98 13.42
CA ASP A 92 41.28 -9.37 12.92
C ASP A 92 42.20 -8.16 12.75
N GLU A 93 41.70 -6.98 13.08
CA GLU A 93 42.54 -5.80 13.12
C GLU A 93 42.60 -5.24 14.52
N CYS A 94 41.77 -5.77 15.41
CA CYS A 94 41.55 -5.15 16.71
C CYS A 94 41.60 -6.19 17.81
N GLY A 95 41.07 -5.84 18.97
CA GLY A 95 41.21 -6.70 20.13
C GLY A 95 42.64 -6.65 20.62
N GLY A 96 43.11 -7.75 21.22
CA GLY A 96 44.40 -7.74 21.86
C GLY A 96 44.43 -6.79 23.03
N GLU A 97 45.62 -6.32 23.40
CA GLU A 97 45.70 -5.27 24.40
C GLU A 97 46.50 -4.05 23.94
N PRO A 98 46.36 -2.94 24.65
CA PRO A 98 46.96 -1.69 24.18
C PRO A 98 48.46 -1.68 24.39
N SER A 99 49.14 -0.72 23.78
CA SER A 99 50.56 -0.51 24.03
C SER A 99 50.86 0.98 24.24
N GLY A 100 52.13 1.30 24.38
CA GLY A 100 52.50 2.69 24.53
C GLY A 100 52.06 3.23 25.88
N LYS A 101 51.86 4.54 25.96
CA LYS A 101 51.59 5.18 27.24
C LYS A 101 50.34 4.59 27.89
N LEU A 102 49.30 4.37 27.10
CA LEU A 102 48.06 3.84 27.63
C LEU A 102 48.34 2.53 28.36
N ALA A 103 49.12 1.67 27.73
CA ALA A 103 49.57 0.43 28.37
C ALA A 103 50.25 0.70 29.70
N GLU A 104 51.15 1.68 29.70
CA GLU A 104 51.88 2.02 30.93
C GLU A 104 50.96 2.55 32.03
N TYR A 105 50.00 3.40 31.67
CA TYR A 105 49.05 3.91 32.63
C TYR A 105 48.11 2.85 33.17
N ILE A 106 47.67 1.94 32.30
CA ILE A 106 46.80 0.87 32.78
C ILE A 106 47.52 0.00 33.79
N GLU A 107 48.80 -0.24 33.56
CA GLU A 107 49.62 -0.94 34.53
C GLU A 107 49.72 -0.24 35.87
N LYS A 108 50.09 1.04 35.85
CA LYS A 108 50.40 1.71 37.09
C LYS A 108 49.13 2.01 37.87
N ASP A 109 48.02 2.25 37.18
CA ASP A 109 46.78 2.56 37.84
C ASP A 109 45.99 1.33 38.23
N PHE A 110 46.09 0.26 37.44
CA PHE A 110 45.32 -0.94 37.76
C PHE A 110 46.17 -2.14 38.17
N GLY A 111 47.47 -2.04 38.00
CA GLY A 111 48.35 -3.13 38.37
C GLY A 111 48.64 -4.05 37.20
N SER A 112 47.63 -4.28 36.35
CA SER A 112 47.83 -5.08 35.14
C SER A 112 46.68 -4.79 34.17
N PHE A 113 46.84 -5.24 32.93
CA PHE A 113 45.74 -5.21 31.99
C PHE A 113 44.58 -6.08 32.45
N GLU A 114 44.89 -7.26 32.99
CA GLU A 114 43.84 -8.16 33.46
C GLU A 114 42.96 -7.45 34.48
N ARG A 115 43.59 -6.83 35.47
CA ARG A 115 42.84 -6.14 36.50
C ARG A 115 41.91 -5.10 35.85
N PHE A 116 42.49 -4.26 34.99
CA PHE A 116 41.70 -3.28 34.25
C PHE A 116 40.53 -3.92 33.53
N ARG A 117 40.83 -4.92 32.71
CA ARG A 117 39.83 -5.59 31.89
C ARG A 117 38.70 -6.04 32.78
N LYS A 118 39.06 -6.51 33.97
CA LYS A 118 38.08 -7.11 34.86
C LYS A 118 37.22 -6.04 35.52
N GLU A 119 37.86 -5.01 36.04
CA GLU A 119 37.15 -3.90 36.65
C GLU A 119 36.22 -3.22 35.64
N PHE A 120 36.74 -2.95 34.44
CA PHE A 120 35.95 -2.32 33.39
C PHE A 120 34.75 -3.20 33.02
N SER A 121 34.97 -4.52 33.05
CA SER A 121 33.90 -5.47 32.77
C SER A 121 32.84 -5.49 33.85
N GLN A 122 33.25 -5.40 35.11
CA GLN A 122 32.29 -5.30 36.20
C GLN A 122 31.49 -4.01 36.10
N ALA A 123 32.17 -2.95 35.68
CA ALA A 123 31.52 -1.65 35.52
C ALA A 123 30.42 -1.75 34.49
N ALA A 124 30.67 -2.50 33.42
CA ALA A 124 29.65 -2.70 32.38
C ALA A 124 28.54 -3.62 32.86
N ILE A 125 28.93 -4.77 33.40
CA ILE A 125 27.96 -5.81 33.72
C ILE A 125 27.00 -5.33 34.79
N SER A 126 27.54 -4.65 35.80
CA SER A 126 26.77 -4.37 37.02
C SER A 126 25.88 -3.13 36.92
N ALA A 127 25.94 -2.42 35.80
CA ALA A 127 25.16 -1.19 35.64
C ALA A 127 23.67 -1.49 35.75
N GLU A 128 22.98 -0.74 36.59
CA GLU A 128 21.56 -0.99 36.83
C GLU A 128 20.76 -0.39 35.70
N GLY A 129 20.29 -1.25 34.79
CA GLY A 129 19.52 -0.78 33.66
C GLY A 129 20.44 -0.22 32.60
N SER A 130 19.93 0.75 31.84
CA SER A 130 20.66 1.35 30.71
C SER A 130 21.91 2.07 31.19
N GLY A 131 23.02 1.88 30.51
CA GLY A 131 24.16 2.72 30.79
C GLY A 131 25.42 2.27 30.08
N TRP A 132 26.57 2.77 30.54
CA TRP A 132 27.85 2.61 29.87
C TRP A 132 28.94 2.37 30.91
N ALA A 133 29.99 1.66 30.52
CA ALA A 133 31.30 1.85 31.14
C ALA A 133 32.19 2.71 30.26
N VAL A 134 32.87 3.67 30.90
CA VAL A 134 33.69 4.65 30.21
C VAL A 134 35.03 4.81 30.89
N LEU A 135 36.11 4.72 30.13
CA LEU A 135 37.43 5.05 30.67
C LEU A 135 37.74 6.52 30.45
N THR A 136 38.34 7.16 31.44
CA THR A 136 38.77 8.56 31.34
C THR A 136 40.02 8.80 32.20
N TYR A 137 40.37 10.07 32.41
CA TYR A 137 41.69 10.42 32.93
C TYR A 137 41.64 11.70 33.74
N CYS A 138 42.15 11.66 34.97
CA CYS A 138 42.31 12.87 35.78
C CYS A 138 43.73 13.40 35.66
N GLN A 139 43.92 14.26 34.67
CA GLN A 139 44.89 15.35 34.70
C GLN A 139 45.44 15.72 36.07
N ARG A 140 44.57 16.08 37.01
CA ARG A 140 45.02 16.55 38.32
C ARG A 140 45.88 15.51 39.07
N THR A 141 45.37 14.29 39.24
CA THR A 141 46.06 13.26 40.00
C THR A 141 46.81 12.33 39.07
N ASP A 142 46.70 12.55 37.77
CA ASP A 142 47.44 11.79 36.76
C ASP A 142 47.06 10.29 36.79
N ARG A 143 45.75 10.02 36.87
CA ARG A 143 45.25 8.67 37.04
C ARG A 143 44.13 8.39 36.02
N LEU A 144 44.12 7.18 35.45
CA LEU A 144 42.96 6.69 34.73
C LEU A 144 41.83 6.40 35.69
N PHE A 145 40.63 6.89 35.36
CA PHE A 145 39.40 6.59 36.11
C PHE A 145 38.46 5.80 35.21
N ILE A 146 37.70 4.89 35.81
CA ILE A 146 36.51 4.37 35.14
C ILE A 146 35.26 5.07 35.70
N MET A 147 34.33 5.44 34.83
CA MET A 147 33.00 5.81 35.34
C MET A 147 31.89 4.92 34.82
N GLN A 148 30.87 4.71 35.65
CA GLN A 148 29.72 3.92 35.23
C GLN A 148 28.57 4.86 34.99
N VAL A 149 28.25 5.11 33.73
CA VAL A 149 27.22 6.07 33.37
C VAL A 149 25.88 5.37 33.27
N GLU A 150 24.88 5.85 34.01
CA GLU A 150 23.51 5.41 33.82
C GLU A 150 22.85 6.27 32.79
N LYS A 151 21.89 5.70 32.06
CA LYS A 151 21.40 6.33 30.84
C LYS A 151 22.55 6.87 29.96
N HIS A 152 22.51 8.15 29.60
CA HIS A 152 23.65 8.70 28.87
C HIS A 152 24.32 9.85 29.62
N ASN A 153 23.99 10.06 30.90
CA ASN A 153 24.18 11.38 31.51
C ASN A 153 24.06 11.37 33.03
N VAL A 154 24.10 10.18 33.62
CA VAL A 154 24.01 10.06 35.07
C VAL A 154 25.24 9.41 35.70
N ASN A 155 25.72 9.99 36.80
CA ASN A 155 26.98 9.61 37.40
C ASN A 155 28.14 9.81 36.44
N VAL A 156 28.17 10.95 35.78
CA VAL A 156 29.37 11.31 35.03
C VAL A 156 30.07 12.54 35.60
N ILE A 157 31.40 12.51 35.59
CA ILE A 157 32.19 13.60 36.11
C ILE A 157 32.28 14.70 35.06
N PRO A 158 31.68 15.87 35.32
CA PRO A 158 31.77 16.91 34.31
C PRO A 158 33.22 17.23 33.97
N HIS A 159 33.46 17.51 32.68
CA HIS A 159 34.73 18.04 32.19
C HIS A 159 35.75 16.94 31.82
N PHE A 160 35.55 15.73 32.32
CA PHE A 160 36.45 14.62 31.99
C PHE A 160 36.19 14.06 30.60
N ARG A 161 37.26 13.68 29.91
CA ARG A 161 37.19 13.37 28.47
C ARG A 161 37.16 11.87 28.22
N ILE A 162 36.60 11.48 27.08
CA ILE A 162 36.35 10.05 26.84
C ILE A 162 37.54 9.37 26.17
N LEU A 163 37.95 8.24 26.72
CA LEU A 163 38.99 7.42 26.10
C LEU A 163 38.42 6.15 25.47
N LEU A 164 37.62 5.43 26.26
CA LEU A 164 37.09 4.13 25.87
C LEU A 164 35.65 4.05 26.36
N VAL A 165 34.77 3.46 25.55
CA VAL A 165 33.35 3.46 25.86
C VAL A 165 32.74 2.11 25.50
N LEU A 166 31.89 1.60 26.37
CA LEU A 166 31.19 0.35 26.10
C LEU A 166 29.67 0.47 26.39
N ASP A 167 28.85 0.43 25.35
CA ASP A 167 27.40 0.57 25.53
C ASP A 167 26.89 -0.70 26.19
N VAL A 168 26.02 -0.53 27.19
CA VAL A 168 25.47 -1.69 27.86
C VAL A 168 23.97 -1.50 28.12
N TRP A 169 23.40 -0.46 27.51
CA TRP A 169 21.97 -0.46 27.18
C TRP A 169 21.56 -1.81 26.60
N GLU A 170 20.37 -2.28 26.94
CA GLU A 170 19.93 -3.57 26.45
C GLU A 170 19.83 -3.59 24.92
N HIS A 171 19.46 -2.46 24.31
CA HIS A 171 19.39 -2.42 22.85
C HIS A 171 20.71 -2.76 22.18
N ALA A 172 21.80 -2.68 22.90
CA ALA A 172 23.10 -2.89 22.26
C ALA A 172 23.42 -4.39 22.07
N TYR A 173 22.68 -5.26 22.74
CA TYR A 173 23.06 -6.67 22.77
C TYR A 173 21.90 -7.65 22.81
N TYR A 174 20.69 -7.16 23.02
CA TYR A 174 19.60 -8.08 23.31
C TYR A 174 19.30 -9.00 22.12
N ILE A 175 19.54 -8.52 20.92
CA ILE A 175 19.30 -9.33 19.72
C ILE A 175 20.27 -10.50 19.67
N ASP A 176 21.55 -10.23 19.90
CA ASP A 176 22.57 -11.28 19.83
C ASP A 176 22.69 -12.13 21.10
N TYR A 177 22.45 -11.54 22.26
CA TYR A 177 22.75 -12.22 23.51
C TYR A 177 21.58 -12.26 24.49
N ARG A 178 20.44 -11.72 24.06
CA ARG A 178 19.27 -11.65 24.93
C ARG A 178 19.67 -11.09 26.29
N ASN A 179 19.37 -11.81 27.36
CA ASN A 179 19.60 -11.30 28.69
C ASN A 179 21.08 -11.36 29.09
N VAL A 180 21.91 -12.05 28.32
CA VAL A 180 23.19 -12.51 28.85
C VAL A 180 24.29 -11.48 28.61
N ARG A 181 24.16 -10.35 29.31
CA ARG A 181 25.03 -9.19 29.14
C ARG A 181 26.52 -9.56 29.27
N PRO A 182 26.85 -10.50 30.16
CA PRO A 182 28.26 -10.87 30.32
C PRO A 182 28.91 -11.45 29.06
N ASP A 183 28.15 -12.19 28.26
CA ASP A 183 28.72 -12.75 27.03
C ASP A 183 29.00 -11.64 26.05
N TYR A 184 28.10 -10.67 25.96
CA TYR A 184 28.32 -9.47 25.15
C TYR A 184 29.55 -8.66 25.60
N VAL A 185 29.64 -8.36 26.88
CA VAL A 185 30.84 -7.70 27.42
C VAL A 185 32.11 -8.48 27.11
N GLU A 186 32.07 -9.80 27.25
CA GLU A 186 33.22 -10.62 26.91
C GLU A 186 33.58 -10.57 25.42
N ALA A 187 32.57 -10.61 24.56
CA ALA A 187 32.81 -10.52 23.12
C ALA A 187 33.46 -9.19 22.76
N PHE A 188 33.14 -8.15 23.52
CA PHE A 188 33.53 -6.79 23.20
C PHE A 188 35.04 -6.68 23.10
N TRP A 189 35.75 -7.40 23.95
CA TRP A 189 37.21 -7.28 24.02
C TRP A 189 37.90 -7.82 22.78
N ASN A 190 37.14 -8.55 21.97
CA ASN A 190 37.65 -9.02 20.68
C ASN A 190 37.68 -7.92 19.62
N ILE A 191 36.92 -6.86 19.84
CA ILE A 191 36.78 -5.84 18.80
C ILE A 191 37.11 -4.42 19.27
N VAL A 192 37.65 -4.29 20.48
CA VAL A 192 38.18 -3.00 20.92
C VAL A 192 39.26 -2.50 19.96
N ASN A 193 39.12 -1.27 19.49
CA ASN A 193 40.16 -0.63 18.70
C ASN A 193 41.13 0.16 19.59
N TRP A 194 42.19 -0.49 20.04
CA TRP A 194 43.13 0.17 20.94
C TRP A 194 43.91 1.31 20.27
N LYS A 195 44.09 1.22 18.96
CA LYS A 195 44.76 2.30 18.24
C LYS A 195 44.03 3.61 18.55
N GLU A 196 42.71 3.58 18.42
CA GLU A 196 41.89 4.79 18.57
C GLU A 196 41.94 5.29 20.00
N VAL A 197 41.81 4.37 20.95
CA VAL A 197 41.84 4.73 22.35
C VAL A 197 43.21 5.31 22.70
N GLU A 198 44.27 4.65 22.24
CA GLU A 198 45.61 5.18 22.35
C GLU A 198 45.74 6.59 21.81
N LYS A 199 45.19 6.84 20.64
CA LYS A 199 45.24 8.16 20.05
C LYS A 199 44.51 9.17 20.93
N ARG A 200 43.28 8.87 21.30
CA ARG A 200 42.52 9.72 22.21
C ARG A 200 43.32 10.07 23.46
N PHE A 201 44.03 9.09 24.01
CA PHE A 201 44.70 9.28 25.28
C PHE A 201 45.85 10.24 25.12
N GLU A 202 46.45 10.24 23.93
CA GLU A 202 47.64 11.06 23.70
C GLU A 202 47.28 12.53 23.59
N ASP A 203 46.06 12.82 23.14
CA ASP A 203 45.66 14.21 22.95
C ASP A 203 45.20 14.87 24.24
N ILE A 204 45.34 14.18 25.36
CA ILE A 204 45.21 14.84 26.64
C ILE A 204 46.38 14.54 27.56
N LEU A 205 47.49 14.07 26.96
CA LEU A 205 48.73 13.83 27.67
C LEU A 205 48.55 12.90 28.88
N GLU B 5 13.17 -17.01 62.65
CA GLU B 5 14.10 -17.23 61.50
C GLU B 5 13.72 -16.45 60.24
N LYS B 6 14.71 -16.23 59.39
CA LYS B 6 14.68 -15.16 58.39
C LYS B 6 13.83 -15.57 57.19
N LYS B 7 13.43 -14.61 56.36
CA LYS B 7 12.60 -14.91 55.21
C LYS B 7 13.04 -14.12 53.98
N PHE B 8 12.78 -14.68 52.80
CA PHE B 8 13.45 -14.22 51.60
C PHE B 8 12.50 -14.10 50.41
N TYR B 9 12.97 -13.51 49.33
CA TYR B 9 12.15 -13.34 48.15
C TYR B 9 12.18 -14.61 47.30
N GLU B 10 11.05 -14.90 46.66
CA GLU B 10 11.02 -15.93 45.63
C GLU B 10 10.32 -15.47 44.36
N LEU B 11 10.73 -16.05 43.25
CA LEU B 11 10.09 -15.77 41.97
C LEU B 11 8.65 -16.24 42.04
N PRO B 12 7.69 -15.31 41.93
CA PRO B 12 6.29 -15.73 41.88
C PRO B 12 5.99 -16.43 40.58
N GLU B 13 5.06 -17.38 40.62
CA GLU B 13 4.54 -18.00 39.42
C GLU B 13 3.74 -16.96 38.65
N LEU B 14 3.73 -17.06 37.34
CA LEU B 14 2.75 -16.33 36.55
C LEU B 14 1.32 -16.82 36.82
N PRO B 15 0.33 -15.91 36.74
CA PRO B 15 -1.10 -16.23 36.83
C PRO B 15 -1.63 -17.04 35.64
N TYR B 16 -0.74 -17.46 34.74
CA TYR B 16 -1.15 -17.95 33.43
C TYR B 16 0.04 -18.52 32.68
N PRO B 17 -0.19 -19.40 31.69
CA PRO B 17 0.92 -20.00 30.93
C PRO B 17 1.66 -18.98 30.05
N TYR B 18 2.93 -19.30 29.77
CA TYR B 18 3.82 -18.39 29.08
C TYR B 18 3.34 -17.96 27.69
N ASP B 19 2.31 -18.63 27.17
CA ASP B 19 1.80 -18.26 25.85
C ASP B 19 0.44 -17.64 26.00
N ALA B 20 0.07 -17.32 27.22
CA ALA B 20 -1.26 -16.81 27.51
C ALA B 20 -1.48 -15.42 26.91
N LEU B 21 -0.40 -14.75 26.54
CA LEU B 21 -0.49 -13.32 26.19
C LEU B 21 -0.21 -13.05 24.72
N GLU B 22 0.00 -14.13 23.96
CA GLU B 22 0.18 -14.03 22.51
C GLU B 22 -1.11 -13.55 21.88
N PRO B 23 -1.03 -12.86 20.73
CA PRO B 23 0.18 -12.57 19.96
C PRO B 23 0.88 -11.31 20.45
N HIS B 24 0.37 -10.72 21.54
CA HIS B 24 0.74 -9.37 21.95
C HIS B 24 2.10 -9.36 22.66
N ILE B 25 2.25 -10.26 23.63
CA ILE B 25 3.56 -10.64 24.11
C ILE B 25 3.81 -12.12 23.86
N SER B 26 4.90 -12.42 23.17
CA SER B 26 5.15 -13.77 22.71
C SER B 26 5.60 -14.66 23.88
N ARG B 27 5.49 -15.96 23.69
CA ARG B 27 5.85 -16.91 24.72
C ARG B 27 7.35 -16.77 25.03
N GLU B 28 8.15 -16.54 23.99
CA GLU B 28 9.58 -16.38 24.18
C GLU B 28 9.83 -15.11 25.00
N GLN B 29 9.20 -14.02 24.58
CA GLN B 29 9.37 -12.74 25.25
C GLN B 29 9.05 -12.86 26.73
N LEU B 30 7.90 -13.47 27.03
CA LEU B 30 7.41 -13.56 28.41
C LEU B 30 8.31 -14.46 29.25
N THR B 31 8.78 -15.55 28.67
CA THR B 31 9.48 -16.56 29.42
C THR B 31 10.80 -16.03 29.94
N ILE B 32 11.54 -15.34 29.09
CA ILE B 32 12.82 -14.82 29.50
C ILE B 32 12.71 -13.55 30.40
N HIS B 33 11.71 -12.69 30.19
CA HIS B 33 11.44 -11.56 31.09
C HIS B 33 11.24 -12.10 32.50
N HIS B 34 10.44 -13.16 32.61
CA HIS B 34 10.05 -13.70 33.91
C HIS B 34 11.22 -14.46 34.54
N GLN B 35 11.85 -15.33 33.76
CA GLN B 35 12.73 -16.33 34.34
C GLN B 35 14.16 -15.87 34.46
N LYS B 36 14.53 -14.89 33.64
CA LYS B 36 15.87 -14.31 33.70
C LYS B 36 15.90 -13.02 34.50
N HIS B 37 15.10 -12.04 34.09
CA HIS B 37 15.22 -10.71 34.67
C HIS B 37 14.55 -10.65 36.03
N HIS B 38 13.26 -11.00 36.09
CA HIS B 38 12.54 -10.95 37.36
C HIS B 38 13.31 -11.78 38.39
N GLN B 39 13.82 -12.93 37.94
CA GLN B 39 14.66 -13.78 38.78
C GLN B 39 15.89 -13.04 39.30
N ALA B 40 16.51 -12.26 38.42
CA ALA B 40 17.70 -11.52 38.79
C ALA B 40 17.42 -10.53 39.95
N TYR B 41 16.23 -9.93 39.98
CA TYR B 41 15.89 -9.03 41.06
C TYR B 41 15.64 -9.76 42.38
N VAL B 42 14.97 -10.91 42.29
CA VAL B 42 14.89 -11.81 43.42
C VAL B 42 16.26 -12.10 44.00
N ASP B 43 17.18 -12.56 43.16
CA ASP B 43 18.50 -12.92 43.68
C ASP B 43 19.27 -11.69 44.16
N GLY B 44 19.13 -10.58 43.46
CA GLY B 44 19.78 -9.34 43.86
C GLY B 44 19.36 -8.95 45.25
N ALA B 45 18.05 -8.86 45.45
CA ALA B 45 17.51 -8.46 46.73
C ALA B 45 17.90 -9.46 47.84
N ASN B 46 17.92 -10.76 47.54
CA ASN B 46 18.28 -11.74 48.56
C ASN B 46 19.75 -11.67 48.92
N ALA B 47 20.61 -11.55 47.93
CA ALA B 47 22.05 -11.47 48.19
C ALA B 47 22.31 -10.35 49.17
N LEU B 48 21.57 -9.25 48.98
CA LEU B 48 21.81 -8.03 49.74
C LEU B 48 21.26 -8.20 51.16
N LEU B 49 20.09 -8.82 51.27
CA LEU B 49 19.54 -9.12 52.57
C LEU B 49 20.53 -9.93 53.39
N ARG B 50 21.12 -10.96 52.79
CA ARG B 50 22.07 -11.79 53.52
C ARG B 50 23.28 -10.98 53.94
N LYS B 51 23.76 -10.13 53.03
CA LYS B 51 24.88 -9.25 53.30
C LYS B 51 24.62 -8.43 54.57
N LEU B 52 23.45 -7.80 54.62
CA LEU B 52 23.10 -6.96 55.74
C LEU B 52 22.90 -7.78 57.02
N ASP B 53 22.31 -8.97 56.89
CA ASP B 53 22.17 -9.89 58.02
C ASP B 53 23.53 -10.28 58.59
N GLU B 54 24.45 -10.66 57.71
CA GLU B 54 25.80 -11.02 58.14
C GLU B 54 26.46 -9.89 58.92
N ALA B 55 26.35 -8.66 58.43
CA ALA B 55 27.02 -7.52 59.07
C ALA B 55 26.45 -7.32 60.46
N ARG B 56 25.15 -7.56 60.61
CA ARG B 56 24.49 -7.38 61.88
C ARG B 56 24.85 -8.47 62.88
N GLU B 57 24.97 -9.70 62.39
CA GLU B 57 25.34 -10.82 63.25
C GLU B 57 26.79 -10.68 63.71
N SER B 58 27.66 -10.18 62.85
CA SER B 58 29.05 -9.99 63.23
C SER B 58 29.28 -8.57 63.75
N ASP B 59 28.18 -7.83 63.89
CA ASP B 59 28.23 -6.44 64.35
C ASP B 59 29.33 -5.65 63.70
N THR B 60 29.47 -5.81 62.38
CA THR B 60 30.45 -5.06 61.61
C THR B 60 29.84 -3.96 60.74
N ASP B 61 30.69 -3.11 60.20
CA ASP B 61 30.22 -1.95 59.42
C ASP B 61 29.88 -2.42 58.02
N VAL B 62 28.86 -1.79 57.41
CA VAL B 62 28.70 -1.88 55.97
C VAL B 62 28.60 -0.49 55.36
N ASP B 63 28.84 -0.42 54.06
CA ASP B 63 28.50 0.75 53.27
C ASP B 63 26.98 0.81 53.02
N ILE B 64 26.23 1.46 53.90
CA ILE B 64 24.79 1.33 53.81
C ILE B 64 24.20 2.23 52.74
N LYS B 65 24.89 3.32 52.40
CA LYS B 65 24.52 4.11 51.25
C LYS B 65 24.43 3.22 50.02
N ALA B 66 25.53 2.54 49.70
CA ALA B 66 25.58 1.63 48.55
C ALA B 66 24.50 0.56 48.71
N ALA B 67 24.45 -0.04 49.89
CA ALA B 67 23.53 -1.14 50.16
C ALA B 67 22.07 -0.74 49.89
N LEU B 68 21.65 0.38 50.46
CA LEU B 68 20.26 0.77 50.37
C LEU B 68 19.89 1.24 48.97
N LYS B 69 20.83 1.86 48.28
CA LYS B 69 20.61 2.22 46.89
C LYS B 69 20.35 0.95 46.07
N GLU B 70 21.20 -0.05 46.28
CA GLU B 70 21.05 -1.28 45.52
C GLU B 70 19.77 -1.99 45.94
N LEU B 71 19.48 -1.97 47.24
CA LEU B 71 18.30 -2.65 47.75
C LEU B 71 17.05 -2.07 47.10
N SER B 72 17.00 -0.74 46.99
CA SER B 72 15.79 -0.12 46.47
C SER B 72 15.63 -0.49 45.00
N PHE B 73 16.76 -0.68 44.31
CA PHE B 73 16.77 -1.10 42.91
C PHE B 73 16.14 -2.47 42.72
N HIS B 74 16.65 -3.46 43.44
CA HIS B 74 16.20 -4.85 43.25
C HIS B 74 14.81 -5.12 43.80
N VAL B 75 14.48 -4.54 44.96
CA VAL B 75 13.18 -4.78 45.55
C VAL B 75 12.14 -4.05 44.71
N GLY B 76 12.51 -2.88 44.22
CA GLY B 76 11.68 -2.21 43.24
C GLY B 76 11.44 -3.05 41.99
N GLY B 77 12.52 -3.57 41.44
CA GLY B 77 12.41 -4.56 40.38
C GLY B 77 11.45 -5.69 40.74
N TYR B 78 11.66 -6.30 41.90
CA TYR B 78 10.78 -7.39 42.33
C TYR B 78 9.32 -6.97 42.41
N VAL B 79 9.07 -5.86 43.11
CA VAL B 79 7.72 -5.41 43.36
C VAL B 79 6.98 -5.02 42.08
N LEU B 80 7.64 -4.27 41.21
CA LEU B 80 7.01 -3.83 39.97
C LEU B 80 6.68 -4.97 38.99
N HIS B 81 7.60 -5.93 38.84
CA HIS B 81 7.32 -7.08 37.98
C HIS B 81 6.15 -7.87 38.59
N LEU B 82 6.08 -7.92 39.92
CA LEU B 82 4.98 -8.63 40.59
C LEU B 82 3.62 -8.06 40.19
N PHE B 83 3.46 -6.73 40.28
CA PHE B 83 2.21 -6.12 39.89
C PHE B 83 1.98 -6.15 38.37
N PHE B 84 3.08 -6.15 37.62
CA PHE B 84 3.00 -6.15 36.17
C PHE B 84 2.31 -7.42 35.65
N TRP B 85 2.84 -8.58 36.05
CA TRP B 85 2.24 -9.87 35.69
C TRP B 85 0.76 -9.87 36.08
N GLY B 86 0.49 -9.28 37.24
CA GLY B 86 -0.83 -9.36 37.81
C GLY B 86 -1.86 -8.53 37.08
N ASN B 87 -1.48 -7.42 36.46
CA ASN B 87 -2.46 -6.63 35.72
C ASN B 87 -2.36 -6.85 34.21
N MET B 88 -1.92 -8.04 33.83
CA MET B 88 -2.19 -8.57 32.49
C MET B 88 -2.91 -9.91 32.53
N GLY B 89 -3.52 -10.26 31.39
CA GLY B 89 -3.96 -11.64 31.19
C GLY B 89 -4.34 -11.89 29.75
N PRO B 90 -4.89 -13.09 29.45
CA PRO B 90 -5.34 -13.46 28.09
C PRO B 90 -6.20 -12.38 27.45
N ALA B 91 -5.94 -12.12 26.16
CA ALA B 91 -6.59 -11.00 25.47
C ALA B 91 -8.10 -11.16 25.45
N ASP B 92 -8.56 -12.41 25.38
CA ASP B 92 -9.98 -12.71 25.20
C ASP B 92 -10.69 -12.67 26.54
N GLU B 93 -9.95 -12.44 27.62
CA GLU B 93 -10.55 -12.22 28.93
C GLU B 93 -10.28 -10.80 29.43
N CYS B 94 -9.42 -10.08 28.73
CA CYS B 94 -8.92 -8.81 29.23
C CYS B 94 -8.96 -7.74 28.15
N GLY B 95 -8.20 -6.68 28.35
CA GLY B 95 -8.28 -5.55 27.45
C GLY B 95 -9.57 -4.82 27.71
N GLY B 96 -10.13 -4.18 26.68
CA GLY B 96 -11.30 -3.34 26.87
C GLY B 96 -10.99 -2.16 27.76
N GLU B 97 -12.00 -1.56 28.37
CA GLU B 97 -11.72 -0.56 29.38
C GLU B 97 -12.36 -0.86 30.71
N PRO B 98 -11.91 -0.16 31.77
CA PRO B 98 -12.37 -0.47 33.13
C PRO B 98 -13.81 0.00 33.36
N SER B 99 -14.39 -0.45 34.46
CA SER B 99 -15.72 -0.01 34.85
C SER B 99 -15.71 0.26 36.36
N GLY B 100 -16.86 0.67 36.90
CA GLY B 100 -16.95 0.88 38.32
C GLY B 100 -16.23 2.16 38.71
N LYS B 101 -15.78 2.23 39.96
CA LYS B 101 -15.23 3.47 40.48
C LYS B 101 -14.01 3.90 39.66
N LEU B 102 -13.16 2.94 39.32
CA LEU B 102 -11.96 3.23 38.54
C LEU B 102 -12.34 3.97 37.29
N ALA B 103 -13.35 3.46 36.59
CA ALA B 103 -13.88 4.13 35.40
C ALA B 103 -14.29 5.56 35.73
N GLU B 104 -14.96 5.75 36.85
CA GLU B 104 -15.45 7.08 37.23
C GLU B 104 -14.29 8.02 37.53
N TYR B 105 -13.28 7.52 38.24
CA TYR B 105 -12.11 8.34 38.55
C TYR B 105 -11.31 8.69 37.30
N ILE B 106 -11.17 7.74 36.38
CA ILE B 106 -10.43 8.01 35.16
C ILE B 106 -11.10 9.12 34.39
N GLU B 107 -12.43 9.13 34.40
CA GLU B 107 -13.19 10.20 33.76
C GLU B 107 -12.95 11.55 34.39
N LYS B 108 -13.06 11.61 35.72
CA LYS B 108 -13.08 12.91 36.37
C LYS B 108 -11.68 13.48 36.41
N ASP B 109 -10.68 12.60 36.52
CA ASP B 109 -9.30 13.07 36.57
C ASP B 109 -8.68 13.29 35.19
N PHE B 110 -9.09 12.52 34.19
CA PHE B 110 -8.50 12.66 32.87
C PHE B 110 -9.45 13.17 31.82
N GLY B 111 -10.74 13.20 32.15
CA GLY B 111 -11.72 13.70 31.19
C GLY B 111 -12.33 12.57 30.38
N SER B 112 -11.53 11.57 30.04
CA SER B 112 -12.05 10.39 29.35
C SER B 112 -11.05 9.26 29.47
N PHE B 113 -11.49 8.04 29.13
CA PHE B 113 -10.57 6.94 29.03
C PHE B 113 -9.52 7.21 27.96
N GLU B 114 -9.93 7.75 26.82
CA GLU B 114 -8.98 8.02 25.74
C GLU B 114 -7.83 8.86 26.23
N ARG B 115 -8.16 9.99 26.87
CA ARG B 115 -7.14 10.89 27.39
C ARG B 115 -6.19 10.10 28.31
N PHE B 116 -6.75 9.36 29.27
CA PHE B 116 -5.94 8.54 30.15
C PHE B 116 -5.01 7.65 29.35
N ARG B 117 -5.61 6.86 28.47
CA ARG B 117 -4.91 5.86 27.67
C ARG B 117 -3.73 6.53 27.00
N LYS B 118 -3.96 7.75 26.55
CA LYS B 118 -2.98 8.47 25.73
C LYS B 118 -1.85 9.01 26.62
N GLU B 119 -2.21 9.65 27.73
CA GLU B 119 -1.24 10.13 28.68
C GLU B 119 -0.40 8.99 29.25
N PHE B 120 -1.05 7.90 29.60
CA PHE B 120 -0.34 6.76 30.17
C PHE B 120 0.63 6.23 29.14
N SER B 121 0.20 6.25 27.88
CA SER B 121 1.01 5.76 26.77
C SER B 121 2.23 6.65 26.52
N GLN B 122 2.06 7.97 26.60
CA GLN B 122 3.21 8.87 26.52
C GLN B 122 4.18 8.64 27.67
N ALA B 123 3.63 8.36 28.84
CA ALA B 123 4.47 8.15 30.02
C ALA B 123 5.34 6.93 29.78
N ALA B 124 4.80 5.91 29.11
CA ALA B 124 5.57 4.70 28.83
C ALA B 124 6.59 4.98 27.73
N ILE B 125 6.09 5.52 26.63
CA ILE B 125 6.92 5.66 25.44
C ILE B 125 8.10 6.59 25.70
N SER B 126 7.85 7.68 26.41
CA SER B 126 8.83 8.75 26.49
C SER B 126 9.89 8.53 27.56
N ALA B 127 9.77 7.46 28.34
CA ALA B 127 10.72 7.21 29.41
C ALA B 127 12.13 7.09 28.86
N GLU B 128 13.07 7.83 29.43
CA GLU B 128 14.44 7.79 28.96
C GLU B 128 15.15 6.55 29.48
N GLY B 129 15.35 5.58 28.59
CA GLY B 129 15.96 4.33 29.00
C GLY B 129 14.99 3.46 29.76
N SER B 130 15.52 2.63 30.66
CA SER B 130 14.73 1.66 31.40
C SER B 130 13.75 2.37 32.32
N GLY B 131 12.52 1.86 32.38
CA GLY B 131 11.58 2.35 33.37
C GLY B 131 10.16 1.87 33.16
N TRP B 132 9.22 2.53 33.82
CA TRP B 132 7.84 2.05 33.94
C TRP B 132 6.89 3.25 33.84
N ALA B 133 5.68 3.01 33.34
CA ALA B 133 4.54 3.86 33.64
C ALA B 133 3.67 3.20 34.70
N VAL B 134 3.29 3.97 35.72
CA VAL B 134 2.58 3.43 36.87
C VAL B 134 1.39 4.33 37.22
N LEU B 135 0.20 3.74 37.36
CA LEU B 135 -0.96 4.48 37.84
C LEU B 135 -1.06 4.37 39.35
N THR B 136 -1.41 5.46 40.02
CA THR B 136 -1.55 5.46 41.48
C THR B 136 -2.56 6.54 41.88
N TYR B 137 -2.66 6.83 43.17
CA TYR B 137 -3.81 7.57 43.72
C TYR B 137 -3.40 8.40 44.93
N CYS B 138 -3.71 9.69 44.89
CA CYS B 138 -3.53 10.53 46.08
C CYS B 138 -4.85 10.65 46.85
N GLN B 139 -5.06 9.73 47.77
CA GLN B 139 -5.79 9.95 49.02
C GLN B 139 -6.04 11.43 49.37
N ARG B 140 -4.99 12.22 49.53
CA ARG B 140 -5.13 13.59 50.01
C ARG B 140 -6.03 14.42 49.10
N THR B 141 -5.69 14.49 47.81
CA THR B 141 -6.42 15.33 46.86
C THR B 141 -7.49 14.53 46.10
N ASP B 142 -7.54 13.21 46.37
CA ASP B 142 -8.53 12.32 45.81
C ASP B 142 -8.43 12.25 44.28
N ARG B 143 -7.19 12.12 43.78
CA ARG B 143 -6.89 12.16 42.34
C ARG B 143 -6.04 10.95 41.96
N LEU B 144 -6.34 10.35 40.82
CA LEU B 144 -5.38 9.44 40.17
C LEU B 144 -4.17 10.21 39.63
N PHE B 145 -2.99 9.70 39.94
CA PHE B 145 -1.73 10.22 39.41
C PHE B 145 -1.09 9.16 38.53
N ILE B 146 -0.39 9.61 37.49
CA ILE B 146 0.55 8.75 36.80
C ILE B 146 1.96 9.13 37.23
N MET B 147 2.82 8.15 37.50
CA MET B 147 4.24 8.43 37.60
C MET B 147 5.07 7.68 36.57
N GLN B 148 6.16 8.33 36.17
CA GLN B 148 7.10 7.71 35.23
C GLN B 148 8.35 7.29 36.00
N VAL B 149 8.48 6.00 36.28
CA VAL B 149 9.60 5.49 37.06
C VAL B 149 10.76 5.19 36.13
N GLU B 150 11.93 5.77 36.37
CA GLU B 150 13.14 5.30 35.74
C GLU B 150 13.78 4.20 36.53
N LYS B 151 14.50 3.31 35.87
CA LYS B 151 14.89 2.05 36.47
C LYS B 151 13.72 1.41 37.23
N HIS B 152 13.93 1.08 38.50
CA HIS B 152 12.81 0.54 39.29
C HIS B 152 12.44 1.42 40.48
N ASN B 153 13.04 2.62 40.56
CA ASN B 153 13.16 3.29 41.86
C ASN B 153 13.52 4.77 41.77
N VAL B 154 13.38 5.34 40.57
CA VAL B 154 13.67 6.74 40.38
C VAL B 154 12.46 7.54 39.89
N ASN B 155 12.26 8.71 40.47
CA ASN B 155 11.06 9.50 40.27
C ASN B 155 9.81 8.77 40.70
N VAL B 156 9.87 8.14 41.87
CA VAL B 156 8.66 7.59 42.45
C VAL B 156 8.29 8.34 43.74
N ILE B 157 6.99 8.55 43.93
CA ILE B 157 6.50 9.22 45.13
C ILE B 157 6.41 8.22 46.27
N PRO B 158 7.22 8.40 47.32
CA PRO B 158 7.18 7.43 48.41
C PRO B 158 5.77 7.35 48.99
N HIS B 159 5.39 6.13 49.40
CA HIS B 159 4.15 5.88 50.13
C HIS B 159 2.92 5.68 49.23
N PHE B 160 2.96 6.14 47.98
CA PHE B 160 1.84 5.89 47.05
C PHE B 160 1.77 4.45 46.51
N ARG B 161 0.55 3.94 46.34
CA ARG B 161 0.36 2.51 46.11
C ARG B 161 0.09 2.22 44.64
N ILE B 162 0.37 0.99 44.22
CA ILE B 162 0.35 0.65 42.80
C ILE B 162 -1.01 0.15 42.36
N LEU B 163 -1.53 0.74 41.29
CA LEU B 163 -2.78 0.29 40.70
C LEU B 163 -2.52 -0.44 39.38
N LEU B 164 -1.77 0.22 38.49
CA LEU B 164 -1.53 -0.28 37.14
C LEU B 164 -0.05 -0.04 36.80
N VAL B 165 0.56 -0.99 36.11
CA VAL B 165 2.00 -0.97 35.88
C VAL B 165 2.32 -1.49 34.46
N LEU B 166 3.17 -0.76 33.74
CA LEU B 166 3.60 -1.15 32.41
C LEU B 166 5.14 -1.12 32.28
N ASP B 167 5.78 -2.29 32.20
CA ASP B 167 7.24 -2.35 32.09
C ASP B 167 7.63 -1.81 30.70
N VAL B 168 8.66 -0.96 30.67
CA VAL B 168 9.09 -0.44 29.40
C VAL B 168 10.61 -0.40 29.34
N TRP B 169 11.26 -1.08 30.29
CA TRP B 169 12.59 -1.64 30.06
C TRP B 169 12.65 -2.30 28.69
N GLU B 170 13.78 -2.17 28.01
CA GLU B 170 13.91 -2.77 26.69
C GLU B 170 13.80 -4.30 26.75
N HIS B 171 14.22 -4.93 27.85
CA HIS B 171 14.08 -6.39 27.94
C HIS B 171 12.63 -6.87 27.89
N ALA B 172 11.69 -5.97 28.10
CA ALA B 172 10.29 -6.34 28.13
C ALA B 172 9.70 -6.52 26.71
N TYR B 173 10.38 -6.01 25.69
CA TYR B 173 9.77 -5.96 24.36
C TYR B 173 10.75 -6.14 23.20
N TYR B 174 12.06 -6.13 23.47
CA TYR B 174 12.97 -6.02 22.37
C TYR B 174 12.92 -7.27 21.48
N ILE B 175 12.55 -8.41 22.07
CA ILE B 175 12.47 -9.64 21.31
C ILE B 175 11.31 -9.58 20.32
N ASP B 176 10.17 -9.10 20.78
CA ASP B 176 9.00 -9.03 19.91
C ASP B 176 8.94 -7.80 19.04
N TYR B 177 9.46 -6.68 19.53
CA TYR B 177 9.25 -5.41 18.83
C TYR B 177 10.53 -4.65 18.54
N ARG B 178 11.67 -5.24 18.88
CA ARG B 178 12.94 -4.58 18.70
C ARG B 178 12.88 -3.15 19.24
N ASN B 179 13.23 -2.18 18.41
CA ASN B 179 13.29 -0.80 18.90
C ASN B 179 11.91 -0.17 19.05
N VAL B 180 10.86 -0.81 18.56
CA VAL B 180 9.60 -0.10 18.31
C VAL B 180 8.68 -0.11 19.52
N ARG B 181 9.13 0.58 20.56
CA ARG B 181 8.44 0.56 21.85
C ARG B 181 6.95 0.97 21.74
N PRO B 182 6.62 1.87 20.83
CA PRO B 182 5.20 2.25 20.68
C PRO B 182 4.25 1.10 20.27
N ASP B 183 4.74 0.17 19.46
CA ASP B 183 3.91 -0.96 19.07
C ASP B 183 3.67 -1.85 20.28
N TYR B 184 4.70 -2.05 21.09
CA TYR B 184 4.56 -2.80 22.32
C TYR B 184 3.59 -2.13 23.27
N VAL B 185 3.75 -0.82 23.50
CA VAL B 185 2.80 -0.08 24.34
C VAL B 185 1.38 -0.22 23.83
N GLU B 186 1.22 -0.16 22.51
CA GLU B 186 -0.10 -0.30 21.91
C GLU B 186 -0.68 -1.71 22.12
N ALA B 187 0.15 -2.72 21.93
CA ALA B 187 -0.30 -4.10 22.14
C ALA B 187 -0.77 -4.30 23.58
N PHE B 188 -0.16 -3.56 24.50
CA PHE B 188 -0.36 -3.80 25.93
C PHE B 188 -1.83 -3.64 26.31
N TRP B 189 -2.50 -2.69 25.67
CA TRP B 189 -3.88 -2.38 26.01
C TRP B 189 -4.83 -3.51 25.68
N ASN B 190 -4.36 -4.46 24.87
CA ASN B 190 -5.14 -5.65 24.55
C ASN B 190 -5.15 -6.66 25.69
N ILE B 191 -4.18 -6.56 26.59
CA ILE B 191 -4.04 -7.56 27.64
C ILE B 191 -4.04 -7.00 29.07
N VAL B 192 -4.38 -5.73 29.22
CA VAL B 192 -4.59 -5.17 30.55
C VAL B 192 -5.71 -5.90 31.27
N ASN B 193 -5.44 -6.35 32.49
CA ASN B 193 -6.47 -6.98 33.32
C ASN B 193 -7.14 -5.93 34.21
N TRP B 194 -8.21 -5.33 33.72
CA TRP B 194 -8.86 -4.27 34.49
C TRP B 194 -9.53 -4.76 35.76
N LYS B 195 -9.93 -6.03 35.79
CA LYS B 195 -10.51 -6.60 37.00
C LYS B 195 -9.53 -6.39 38.14
N GLU B 196 -8.28 -6.77 37.91
CA GLU B 196 -7.24 -6.71 38.94
C GLU B 196 -7.00 -5.28 39.39
N VAL B 197 -6.90 -4.38 38.42
CA VAL B 197 -6.62 -2.98 38.71
C VAL B 197 -7.78 -2.40 39.49
N GLU B 198 -8.98 -2.67 39.01
CA GLU B 198 -10.19 -2.33 39.75
C GLU B 198 -10.14 -2.82 41.20
N LYS B 199 -9.77 -4.07 41.41
CA LYS B 199 -9.71 -4.61 42.76
C LYS B 199 -8.69 -3.83 43.59
N ARG B 200 -7.48 -3.66 43.06
CA ARG B 200 -6.45 -2.88 43.74
C ARG B 200 -6.96 -1.49 44.14
N PHE B 201 -7.70 -0.86 43.26
CA PHE B 201 -8.13 0.50 43.49
C PHE B 201 -9.13 0.55 44.63
N GLU B 202 -9.89 -0.53 44.80
CA GLU B 202 -10.94 -0.53 45.80
C GLU B 202 -10.35 -0.65 47.20
N ASP B 203 -9.20 -1.29 47.31
CA ASP B 203 -8.59 -1.52 48.62
C ASP B 203 -7.85 -0.30 49.13
N ILE B 204 -7.96 0.82 48.44
CA ILE B 204 -7.49 2.07 48.99
C ILE B 204 -8.52 3.16 48.83
N LEU B 205 -9.76 2.75 48.57
CA LEU B 205 -10.90 3.66 48.53
C LEU B 205 -10.71 4.75 47.49
N GLU C 5 16.37 -7.82 9.63
CA GLU C 5 15.58 -8.93 9.03
C GLU C 5 14.15 -8.55 8.64
N LYS C 6 13.57 -9.31 7.71
CA LYS C 6 12.43 -8.86 6.92
C LYS C 6 11.14 -8.97 7.72
N LYS C 7 10.08 -8.35 7.23
CA LYS C 7 8.81 -8.34 7.96
C LYS C 7 7.63 -8.48 7.00
N PHE C 8 6.54 -9.06 7.49
CA PHE C 8 5.50 -9.55 6.60
C PHE C 8 4.10 -9.22 7.10
N TYR C 9 3.11 -9.47 6.27
CA TYR C 9 1.72 -9.21 6.63
C TYR C 9 1.15 -10.35 7.45
N GLU C 10 0.28 -10.02 8.40
CA GLU C 10 -0.51 -11.02 9.11
C GLU C 10 -1.98 -10.64 9.18
N LEU C 11 -2.83 -11.65 9.20
CA LEU C 11 -4.26 -11.44 9.36
C LEU C 11 -4.52 -10.80 10.72
N PRO C 12 -5.04 -9.58 10.73
CA PRO C 12 -5.37 -8.93 12.01
C PRO C 12 -6.58 -9.61 12.63
N GLU C 13 -6.61 -9.64 13.96
CA GLU C 13 -7.78 -10.12 14.66
C GLU C 13 -8.91 -9.13 14.45
N LEU C 14 -10.14 -9.62 14.43
CA LEU C 14 -11.29 -8.72 14.51
C LEU C 14 -11.35 -8.03 15.87
N PRO C 15 -11.89 -6.80 15.91
CA PRO C 15 -12.10 -6.03 17.14
C PRO C 15 -13.21 -6.60 18.02
N TYR C 16 -13.80 -7.73 17.60
CA TYR C 16 -15.05 -8.23 18.18
C TYR C 16 -15.34 -9.64 17.67
N PRO C 17 -16.17 -10.40 18.40
CA PRO C 17 -16.49 -11.76 17.98
C PRO C 17 -17.27 -11.83 16.65
N TYR C 18 -17.17 -12.98 15.98
CA TYR C 18 -17.72 -13.15 14.65
C TYR C 18 -19.24 -13.00 14.60
N ASP C 19 -19.89 -12.94 15.75
CA ASP C 19 -21.33 -12.78 15.75
C ASP C 19 -21.68 -11.40 16.27
N ALA C 20 -20.68 -10.54 16.38
CA ALA C 20 -20.88 -9.24 16.99
C ALA C 20 -21.74 -8.33 16.12
N LEU C 21 -21.95 -8.71 14.86
CA LEU C 21 -22.51 -7.77 13.89
C LEU C 21 -23.87 -8.23 13.40
N GLU C 22 -24.35 -9.35 13.94
CA GLU C 22 -25.69 -9.84 13.62
C GLU C 22 -26.71 -8.87 14.16
N PRO C 23 -27.89 -8.80 13.51
CA PRO C 23 -28.35 -9.64 12.40
C PRO C 23 -27.91 -9.09 11.05
N HIS C 24 -27.13 -8.00 11.09
CA HIS C 24 -26.87 -7.21 9.90
C HIS C 24 -25.82 -7.88 9.01
N ILE C 25 -24.71 -8.29 9.62
CA ILE C 25 -23.81 -9.26 9.01
C ILE C 25 -23.73 -10.53 9.86
N SER C 26 -24.05 -11.67 9.25
CA SER C 26 -24.15 -12.91 10.00
C SER C 26 -22.77 -13.41 10.39
N ARG C 27 -22.76 -14.29 11.38
CA ARG C 27 -21.53 -14.88 11.87
C ARG C 27 -20.85 -15.66 10.76
N GLU C 28 -21.64 -16.37 9.97
CA GLU C 28 -21.10 -17.15 8.85
C GLU C 28 -20.49 -16.19 7.82
N GLN C 29 -21.25 -15.15 7.45
CA GLN C 29 -20.79 -14.18 6.48
C GLN C 29 -19.46 -13.58 6.92
N LEU C 30 -19.38 -13.17 8.18
CA LEU C 30 -18.21 -12.46 8.69
C LEU C 30 -17.00 -13.38 8.75
N THR C 31 -17.24 -14.63 9.13
CA THR C 31 -16.16 -15.55 9.42
C THR C 31 -15.39 -15.89 8.15
N ILE C 32 -16.12 -16.17 7.09
CA ILE C 32 -15.46 -16.51 5.84
C ILE C 32 -14.85 -15.30 5.11
N HIS C 33 -15.48 -14.11 5.17
CA HIS C 33 -14.89 -12.89 4.62
C HIS C 33 -13.53 -12.68 5.26
N HIS C 34 -13.47 -12.82 6.58
CA HIS C 34 -12.26 -12.55 7.33
C HIS C 34 -11.20 -13.63 7.11
N GLN C 35 -11.62 -14.89 7.21
CA GLN C 35 -10.65 -15.97 7.36
C GLN C 35 -10.23 -16.56 6.04
N LYS C 36 -11.06 -16.40 5.01
CA LYS C 36 -10.73 -16.87 3.68
C LYS C 36 -10.18 -15.74 2.82
N HIS C 37 -10.96 -14.66 2.66
CA HIS C 37 -10.61 -13.65 1.66
C HIS C 37 -9.51 -12.73 2.18
N HIS C 38 -9.75 -12.12 3.33
CA HIS C 38 -8.77 -11.20 3.88
C HIS C 38 -7.46 -11.96 4.01
N GLN C 39 -7.53 -13.22 4.44
CA GLN C 39 -6.36 -14.09 4.53
C GLN C 39 -5.68 -14.24 3.17
N ALA C 40 -6.46 -14.39 2.12
CA ALA C 40 -5.89 -14.55 0.79
C ALA C 40 -5.07 -13.35 0.36
N TYR C 41 -5.46 -12.13 0.77
CA TYR C 41 -4.67 -10.94 0.44
C TYR C 41 -3.38 -10.86 1.25
N VAL C 42 -3.46 -11.26 2.52
CA VAL C 42 -2.24 -11.44 3.31
C VAL C 42 -1.26 -12.35 2.60
N ASP C 43 -1.73 -13.53 2.18
CA ASP C 43 -0.83 -14.49 1.56
C ASP C 43 -0.37 -14.02 0.19
N GLY C 44 -1.27 -13.38 -0.56
CA GLY C 44 -0.91 -12.85 -1.85
C GLY C 44 0.23 -11.86 -1.72
N ALA C 45 0.05 -10.88 -0.83
CA ALA C 45 1.04 -9.83 -0.65
C ALA C 45 2.36 -10.42 -0.15
N ASN C 46 2.30 -11.39 0.75
CA ASN C 46 3.51 -12.02 1.25
C ASN C 46 4.27 -12.83 0.20
N ALA C 47 3.54 -13.61 -0.59
CA ALA C 47 4.18 -14.42 -1.61
C ALA C 47 4.96 -13.52 -2.53
N LEU C 48 4.38 -12.36 -2.82
CA LEU C 48 4.96 -11.44 -3.78
C LEU C 48 6.18 -10.71 -3.18
N LEU C 49 6.08 -10.34 -1.90
CA LEU C 49 7.22 -9.78 -1.21
C LEU C 49 8.40 -10.73 -1.25
N ARG C 50 8.16 -12.01 -0.98
CA ARG C 50 9.23 -13.00 -1.02
C ARG C 50 9.84 -13.12 -2.41
N LYS C 51 8.98 -13.14 -3.42
CA LYS C 51 9.41 -13.18 -4.81
C LYS C 51 10.38 -12.04 -5.12
N LEU C 52 10.00 -10.82 -4.74
CA LEU C 52 10.84 -9.66 -5.01
C LEU C 52 12.13 -9.68 -4.18
N ASP C 53 12.04 -10.15 -2.93
CA ASP C 53 13.23 -10.33 -2.10
C ASP C 53 14.21 -11.31 -2.73
N GLU C 54 13.70 -12.44 -3.19
CA GLU C 54 14.51 -13.44 -3.84
C GLU C 54 15.24 -12.87 -5.06
N ALA C 55 14.52 -12.10 -5.88
CA ALA C 55 15.14 -11.58 -7.08
C ALA C 55 16.26 -10.60 -6.74
N ARG C 56 16.10 -9.90 -5.63
CA ARG C 56 17.10 -8.93 -5.23
C ARG C 56 18.32 -9.60 -4.62
N GLU C 57 18.10 -10.65 -3.85
CA GLU C 57 19.21 -11.38 -3.27
C GLU C 57 20.03 -12.12 -4.34
N SER C 58 19.37 -12.63 -5.37
CA SER C 58 20.09 -13.29 -6.46
C SER C 58 20.38 -12.30 -7.58
N ASP C 59 20.09 -11.03 -7.32
CA ASP C 59 20.30 -9.96 -8.30
C ASP C 59 19.80 -10.32 -9.71
N THR C 60 18.63 -10.94 -9.78
CA THR C 60 18.06 -11.33 -11.06
C THR C 60 16.88 -10.46 -11.47
N ASP C 61 16.45 -10.60 -12.72
CA ASP C 61 15.39 -9.75 -13.26
C ASP C 61 14.05 -10.28 -12.81
N VAL C 62 13.10 -9.38 -12.60
CA VAL C 62 11.69 -9.79 -12.50
C VAL C 62 10.84 -8.98 -13.46
N ASP C 63 9.65 -9.48 -13.76
CA ASP C 63 8.64 -8.69 -14.44
C ASP C 63 7.97 -7.74 -13.45
N ILE C 64 8.48 -6.52 -13.32
CA ILE C 64 8.04 -5.69 -12.21
C ILE C 64 6.68 -5.02 -12.48
N LYS C 65 6.35 -4.85 -13.76
CA LYS C 65 5.03 -4.40 -14.14
C LYS C 65 4.00 -5.36 -13.56
N ALA C 66 4.12 -6.64 -13.89
CA ALA C 66 3.21 -7.65 -13.34
C ALA C 66 3.25 -7.64 -11.82
N ALA C 67 4.46 -7.60 -11.27
CA ALA C 67 4.64 -7.71 -9.83
C ALA C 67 3.92 -6.56 -9.13
N LEU C 68 4.16 -5.34 -9.61
CA LEU C 68 3.65 -4.17 -8.89
C LEU C 68 2.13 -4.05 -9.05
N LYS C 69 1.63 -4.46 -10.21
CA LYS C 69 0.19 -4.52 -10.39
C LYS C 69 -0.44 -5.46 -9.38
N GLU C 70 0.13 -6.65 -9.26
CA GLU C 70 -0.39 -7.63 -8.34
C GLU C 70 -0.23 -7.13 -6.90
N LEU C 71 0.92 -6.50 -6.62
CA LEU C 71 1.21 -6.04 -5.28
C LEU C 71 0.15 -5.05 -4.85
N SER C 72 -0.21 -4.15 -5.76
CA SER C 72 -1.14 -3.08 -5.38
C SER C 72 -2.51 -3.70 -5.13
N PHE C 73 -2.82 -4.76 -5.86
CA PHE C 73 -4.06 -5.48 -5.66
C PHE C 73 -4.17 -6.08 -4.25
N HIS C 74 -3.16 -6.83 -3.81
CA HIS C 74 -3.24 -7.58 -2.58
C HIS C 74 -3.05 -6.70 -1.37
N VAL C 75 -2.16 -5.73 -1.49
CA VAL C 75 -1.92 -4.83 -0.36
C VAL C 75 -3.11 -3.89 -0.18
N GLY C 76 -3.67 -3.48 -1.31
CA GLY C 76 -4.96 -2.80 -1.27
C GLY C 76 -6.05 -3.61 -0.60
N GLY C 77 -6.18 -4.87 -1.01
CA GLY C 77 -7.04 -5.81 -0.31
C GLY C 77 -6.77 -5.84 1.18
N TYR C 78 -5.52 -6.04 1.55
CA TYR C 78 -5.15 -6.07 2.96
C TYR C 78 -5.56 -4.79 3.69
N VAL C 79 -5.16 -3.64 3.14
CA VAL C 79 -5.38 -2.36 3.80
C VAL C 79 -6.86 -2.01 3.95
N LEU C 80 -7.63 -2.21 2.89
CA LEU C 80 -9.05 -1.87 2.94
C LEU C 80 -9.85 -2.76 3.90
N HIS C 81 -9.54 -4.07 3.93
CA HIS C 81 -10.25 -4.95 4.86
C HIS C 81 -9.87 -4.52 6.28
N LEU C 82 -8.64 -4.05 6.46
CA LEU C 82 -8.19 -3.64 7.77
C LEU C 82 -9.02 -2.48 8.30
N PHE C 83 -9.17 -1.41 7.52
CA PHE C 83 -10.04 -0.31 7.91
C PHE C 83 -11.54 -0.66 7.96
N PHE C 84 -11.97 -1.62 7.15
CA PHE C 84 -13.35 -2.04 7.10
C PHE C 84 -13.79 -2.62 8.43
N TRP C 85 -13.07 -3.63 8.92
CA TRP C 85 -13.38 -4.23 10.23
C TRP C 85 -13.37 -3.14 11.28
N GLY C 86 -12.45 -2.19 11.14
CA GLY C 86 -12.27 -1.19 12.18
C GLY C 86 -13.39 -0.17 12.27
N ASN C 87 -14.08 0.12 11.16
CA ASN C 87 -15.18 1.08 11.24
C ASN C 87 -16.54 0.38 11.20
N MET C 88 -16.57 -0.83 11.75
CA MET C 88 -17.82 -1.45 12.18
C MET C 88 -17.76 -1.88 13.63
N GLY C 89 -18.92 -2.10 14.21
CA GLY C 89 -19.00 -2.77 15.51
C GLY C 89 -20.44 -3.13 15.85
N PRO C 90 -20.67 -3.69 17.06
CA PRO C 90 -21.99 -4.09 17.52
C PRO C 90 -23.05 -2.99 17.30
N ALA C 91 -24.23 -3.39 16.84
CA ALA C 91 -25.24 -2.41 16.47
C ALA C 91 -25.68 -1.53 17.65
N ASP C 92 -25.64 -2.10 18.85
CA ASP C 92 -26.13 -1.42 20.04
C ASP C 92 -25.05 -0.51 20.62
N GLU C 93 -23.88 -0.49 19.98
CA GLU C 93 -22.84 0.46 20.36
C GLU C 93 -22.55 1.41 19.21
N CYS C 94 -23.12 1.11 18.05
CA CYS C 94 -22.72 1.81 16.83
C CYS C 94 -23.94 2.23 16.03
N GLY C 95 -23.74 2.50 14.75
CA GLY C 95 -24.79 3.08 13.95
C GLY C 95 -25.00 4.52 14.34
N GLY C 96 -26.24 4.99 14.19
CA GLY C 96 -26.52 6.38 14.45
C GLY C 96 -25.82 7.26 13.44
N GLU C 97 -25.62 8.52 13.78
CA GLU C 97 -24.75 9.34 12.96
C GLU C 97 -23.59 9.98 13.72
N PRO C 98 -22.60 10.51 13.00
CA PRO C 98 -21.39 11.00 13.65
C PRO C 98 -21.62 12.34 14.34
N SER C 99 -20.67 12.77 15.15
CA SER C 99 -20.75 14.08 15.76
C SER C 99 -19.39 14.74 15.66
N GLY C 100 -19.25 15.93 16.26
CA GLY C 100 -17.95 16.58 16.27
C GLY C 100 -17.61 17.12 14.90
N LYS C 101 -16.32 17.29 14.64
CA LYS C 101 -15.88 17.90 13.39
C LYS C 101 -16.39 17.14 12.16
N LEU C 102 -16.32 15.81 12.21
CA LEU C 102 -16.78 14.99 11.10
C LEU C 102 -18.23 15.35 10.76
N ALA C 103 -19.07 15.45 11.78
CA ALA C 103 -20.45 15.87 11.57
C ALA C 103 -20.50 17.24 10.87
N GLU C 104 -19.67 18.16 11.33
CA GLU C 104 -19.66 19.49 10.75
C GLU C 104 -19.23 19.46 9.28
N TYR C 105 -18.20 18.67 8.98
CA TYR C 105 -17.72 18.58 7.60
C TYR C 105 -18.72 17.89 6.69
N ILE C 106 -19.41 16.87 7.21
CA ILE C 106 -20.40 16.17 6.39
C ILE C 106 -21.52 17.13 6.02
N GLU C 107 -21.90 17.99 6.96
CA GLU C 107 -22.86 19.05 6.69
C GLU C 107 -22.42 20.01 5.62
N LYS C 108 -21.21 20.56 5.76
CA LYS C 108 -20.83 21.66 4.90
C LYS C 108 -20.50 21.14 3.52
N ASP C 109 -19.98 19.91 3.43
CA ASP C 109 -19.63 19.33 2.15
C ASP C 109 -20.79 18.64 1.45
N PHE C 110 -21.72 18.06 2.20
CA PHE C 110 -22.83 17.37 1.58
C PHE C 110 -24.19 18.02 1.82
N GLY C 111 -24.24 19.00 2.70
CA GLY C 111 -25.49 19.67 2.99
C GLY C 111 -26.24 19.04 4.16
N SER C 112 -26.18 17.73 4.29
CA SER C 112 -26.77 17.05 5.44
C SER C 112 -26.18 15.66 5.55
N PHE C 113 -26.41 15.01 6.69
CA PHE C 113 -26.06 13.60 6.81
C PHE C 113 -26.83 12.73 5.82
N GLU C 114 -28.12 13.01 5.65
CA GLU C 114 -28.91 12.23 4.70
C GLU C 114 -28.25 12.24 3.32
N ARG C 115 -27.90 13.43 2.83
CA ARG C 115 -27.34 13.55 1.50
C ARG C 115 -26.08 12.69 1.44
N PHE C 116 -25.19 12.86 2.42
CA PHE C 116 -24.00 12.00 2.49
C PHE C 116 -24.34 10.53 2.43
N ARG C 117 -25.22 10.11 3.35
CA ARG C 117 -25.58 8.71 3.50
C ARG C 117 -26.01 8.19 2.14
N LYS C 118 -26.71 9.03 1.39
CA LYS C 118 -27.34 8.60 0.16
C LYS C 118 -26.30 8.53 -0.96
N GLU C 119 -25.48 9.56 -1.07
CA GLU C 119 -24.38 9.54 -2.03
C GLU C 119 -23.43 8.36 -1.77
N PHE C 120 -23.05 8.17 -0.52
CA PHE C 120 -22.12 7.10 -0.17
C PHE C 120 -22.76 5.76 -0.52
N SER C 121 -24.07 5.67 -0.32
CA SER C 121 -24.80 4.45 -0.66
C SER C 121 -24.86 4.17 -2.15
N GLN C 122 -25.06 5.22 -2.95
CA GLN C 122 -24.99 5.06 -4.40
C GLN C 122 -23.60 4.64 -4.85
N ALA C 123 -22.58 5.19 -4.19
CA ALA C 123 -21.21 4.86 -4.51
C ALA C 123 -20.99 3.36 -4.32
N ALA C 124 -21.53 2.82 -3.23
CA ALA C 124 -21.40 1.39 -2.95
C ALA C 124 -22.25 0.58 -3.90
N ILE C 125 -23.54 0.91 -4.01
CA ILE C 125 -24.44 0.08 -4.80
C ILE C 125 -24.03 0.04 -6.29
N SER C 126 -23.62 1.17 -6.84
CA SER C 126 -23.46 1.28 -8.28
C SER C 126 -22.13 0.77 -8.80
N ALA C 127 -21.24 0.37 -7.90
CA ALA C 127 -19.91 -0.07 -8.30
C ALA C 127 -20.03 -1.27 -9.23
N GLU C 128 -19.35 -1.20 -10.38
CA GLU C 128 -19.43 -2.27 -11.37
C GLU C 128 -18.52 -3.43 -10.92
N GLY C 129 -19.12 -4.50 -10.41
CA GLY C 129 -18.36 -5.65 -9.96
C GLY C 129 -17.76 -5.38 -8.60
N SER C 130 -16.62 -6.01 -8.34
CA SER C 130 -15.96 -5.91 -7.05
C SER C 130 -15.49 -4.49 -6.77
N GLY C 131 -15.67 -4.03 -5.53
CA GLY C 131 -15.07 -2.77 -5.13
C GLY C 131 -15.58 -2.22 -3.81
N TRP C 132 -15.33 -0.93 -3.58
CA TRP C 132 -15.53 -0.30 -2.27
C TRP C 132 -16.11 1.09 -2.48
N ALA C 133 -16.85 1.56 -1.48
CA ALA C 133 -17.02 2.99 -1.28
C ALA C 133 -16.15 3.45 -0.13
N VAL C 134 -15.43 4.55 -0.33
CA VAL C 134 -14.46 5.02 0.68
C VAL C 134 -14.61 6.53 0.88
N LEU C 135 -14.69 6.96 2.14
CA LEU C 135 -14.66 8.39 2.45
C LEU C 135 -13.24 8.85 2.71
N THR C 136 -12.89 10.01 2.20
CA THR C 136 -11.56 10.58 2.42
C THR C 136 -11.65 12.11 2.44
N TYR C 137 -10.50 12.79 2.39
CA TYR C 137 -10.42 14.22 2.73
C TYR C 137 -9.31 14.88 1.94
N CYS C 138 -9.63 15.96 1.24
CA CYS C 138 -8.63 16.80 0.60
C CYS C 138 -8.28 17.98 1.50
N GLN C 139 -7.28 17.78 2.36
CA GLN C 139 -6.36 18.82 2.81
C GLN C 139 -6.33 20.10 1.96
N ARG C 140 -6.04 19.99 0.68
CA ARG C 140 -5.86 21.18 -0.16
C ARG C 140 -7.11 22.06 -0.20
N THR C 141 -8.26 21.48 -0.58
CA THR C 141 -9.50 22.23 -0.71
C THR C 141 -10.37 22.13 0.53
N ASP C 142 -9.90 21.35 1.52
CA ASP C 142 -10.56 21.23 2.81
C ASP C 142 -11.97 20.62 2.66
N ARG C 143 -12.06 19.56 1.85
CA ARG C 143 -13.36 18.95 1.51
C ARG C 143 -13.26 17.45 1.76
N LEU C 144 -14.32 16.86 2.30
CA LEU C 144 -14.52 15.42 2.21
C LEU C 144 -14.82 14.99 0.79
N PHE C 145 -14.12 13.95 0.35
CA PHE C 145 -14.38 13.30 -0.95
C PHE C 145 -14.87 11.88 -0.71
N ILE C 146 -15.73 11.40 -1.61
CA ILE C 146 -15.97 9.97 -1.70
C ILE C 146 -15.24 9.42 -2.92
N MET C 147 -14.61 8.26 -2.79
CA MET C 147 -14.14 7.55 -3.98
C MET C 147 -14.78 6.19 -4.13
N GLN C 148 -15.01 5.79 -5.37
CA GLN C 148 -15.50 4.45 -5.64
C GLN C 148 -14.35 3.60 -6.19
N VAL C 149 -13.78 2.74 -5.33
CA VAL C 149 -12.68 1.87 -5.72
C VAL C 149 -13.20 0.59 -6.38
N GLU C 150 -12.76 0.32 -7.59
CA GLU C 150 -12.94 -0.99 -8.19
C GLU C 150 -11.82 -1.92 -7.77
N LYS C 151 -12.10 -3.22 -7.71
CA LYS C 151 -11.22 -4.14 -7.04
C LYS C 151 -10.70 -3.58 -5.70
N HIS C 152 -9.39 -3.54 -5.50
CA HIS C 152 -8.88 -2.91 -4.28
C HIS C 152 -7.98 -1.72 -4.57
N ASN C 153 -7.93 -1.27 -5.83
CA ASN C 153 -6.79 -0.48 -6.30
C ASN C 153 -7.04 0.25 -7.64
N VAL C 154 -8.31 0.34 -8.03
CA VAL C 154 -8.68 1.07 -9.22
C VAL C 154 -9.60 2.28 -8.97
N ASN C 155 -9.30 3.40 -9.63
CA ASN C 155 -9.94 4.67 -9.37
C ASN C 155 -9.73 5.14 -7.94
N VAL C 156 -8.51 5.07 -7.45
CA VAL C 156 -8.21 5.63 -6.15
C VAL C 156 -7.23 6.78 -6.31
N ILE C 157 -7.41 7.83 -5.52
CA ILE C 157 -6.56 9.01 -5.59
C ILE C 157 -5.32 8.73 -4.74
N PRO C 158 -4.14 8.66 -5.38
CA PRO C 158 -2.95 8.40 -4.57
C PRO C 158 -2.79 9.43 -3.46
N HIS C 159 -2.30 8.97 -2.32
CA HIS C 159 -1.89 9.84 -1.21
C HIS C 159 -3.06 10.21 -0.25
N PHE C 160 -4.30 10.07 -0.69
CA PHE C 160 -5.41 10.39 0.19
C PHE C 160 -5.70 9.29 1.21
N ARG C 161 -6.07 9.69 2.42
CA ARG C 161 -6.12 8.77 3.56
C ARG C 161 -7.53 8.28 3.85
N ILE C 162 -7.65 7.11 4.47
CA ILE C 162 -8.94 6.45 4.62
C ILE C 162 -9.66 6.90 5.90
N LEU C 163 -10.92 7.29 5.76
CA LEU C 163 -11.75 7.61 6.91
C LEU C 163 -12.80 6.52 7.14
N LEU C 164 -13.51 6.17 6.08
CA LEU C 164 -14.64 5.25 6.21
C LEU C 164 -14.60 4.35 4.98
N VAL C 165 -14.92 3.06 5.17
CA VAL C 165 -14.79 2.08 4.11
C VAL C 165 -15.94 1.06 4.15
N LEU C 166 -16.50 0.78 2.97
CA LEU C 166 -17.57 -0.22 2.86
C LEU C 166 -17.31 -1.22 1.74
N ASP C 167 -17.04 -2.47 2.11
CA ASP C 167 -16.70 -3.50 1.14
C ASP C 167 -17.99 -3.83 0.37
N VAL C 168 -17.89 -3.91 -0.95
CA VAL C 168 -19.05 -4.23 -1.74
C VAL C 168 -18.72 -5.26 -2.83
N TRP C 169 -17.54 -5.85 -2.75
CA TRP C 169 -17.28 -7.18 -3.32
C TRP C 169 -18.44 -8.09 -2.97
N GLU C 170 -18.80 -8.96 -3.91
CA GLU C 170 -19.90 -9.88 -3.68
C GLU C 170 -19.62 -10.84 -2.49
N HIS C 171 -18.34 -11.19 -2.24
CA HIS C 171 -18.04 -12.07 -1.11
C HIS C 171 -18.41 -11.46 0.23
N ALA C 172 -18.65 -10.15 0.26
CA ALA C 172 -18.94 -9.48 1.51
C ALA C 172 -20.41 -9.65 1.96
N TYR C 173 -21.27 -10.10 1.06
CA TYR C 173 -22.69 -10.08 1.35
C TYR C 173 -23.50 -11.21 0.69
N TYR C 174 -22.89 -11.98 -0.20
CA TYR C 174 -23.70 -12.86 -1.01
C TYR C 174 -24.34 -13.96 -0.15
N ILE C 175 -23.68 -14.33 0.95
CA ILE C 175 -24.23 -15.37 1.83
C ILE C 175 -25.49 -14.85 2.51
N ASP C 176 -25.45 -13.63 3.03
CA ASP C 176 -26.59 -13.08 3.74
C ASP C 176 -27.64 -12.47 2.82
N TYR C 177 -27.23 -11.88 1.70
CA TYR C 177 -28.16 -11.09 0.90
C TYR C 177 -28.22 -11.52 -0.55
N ARG C 178 -27.48 -12.56 -0.90
CA ARG C 178 -27.42 -13.01 -2.28
C ARG C 178 -27.17 -11.79 -3.20
N ASN C 179 -28.00 -11.61 -4.21
CA ASN C 179 -27.76 -10.57 -5.20
C ASN C 179 -28.11 -9.18 -4.66
N VAL C 180 -28.76 -9.10 -3.50
CA VAL C 180 -29.47 -7.87 -3.16
C VAL C 180 -28.56 -6.90 -2.41
N ARG C 181 -27.58 -6.39 -3.13
CA ARG C 181 -26.55 -5.51 -2.55
C ARG C 181 -27.13 -4.30 -1.79
N PRO C 182 -28.25 -3.73 -2.27
CA PRO C 182 -28.84 -2.60 -1.56
C PRO C 182 -29.28 -2.90 -0.12
N ASP C 183 -29.75 -4.11 0.14
CA ASP C 183 -30.14 -4.48 1.49
C ASP C 183 -28.93 -4.54 2.39
N TYR C 184 -27.85 -5.09 1.85
CA TYR C 184 -26.58 -5.13 2.56
C TYR C 184 -26.06 -3.73 2.88
N VAL C 185 -26.03 -2.87 1.87
CA VAL C 185 -25.62 -1.48 2.08
C VAL C 185 -26.50 -0.77 3.11
N GLU C 186 -27.79 -1.05 3.10
CA GLU C 186 -28.70 -0.48 4.07
C GLU C 186 -28.40 -0.99 5.48
N ALA C 187 -28.18 -2.29 5.62
CA ALA C 187 -27.86 -2.87 6.91
C ALA C 187 -26.62 -2.24 7.49
N PHE C 188 -25.69 -1.83 6.63
CA PHE C 188 -24.36 -1.42 7.03
C PHE C 188 -24.42 -0.24 7.98
N TRP C 189 -25.39 0.64 7.75
CA TRP C 189 -25.50 1.88 8.51
C TRP C 189 -25.87 1.61 9.95
N ASN C 190 -26.34 0.40 10.23
CA ASN C 190 -26.64 -0.01 11.60
C ASN C 190 -25.39 -0.33 12.41
N ILE C 191 -24.29 -0.61 11.72
CA ILE C 191 -23.09 -1.06 12.40
C ILE C 191 -21.83 -0.23 12.12
N VAL C 192 -22.00 0.92 11.46
CA VAL C 192 -20.89 1.87 11.32
C VAL C 192 -20.40 2.33 12.67
N ASN C 193 -19.11 2.21 12.91
CA ASN C 193 -18.47 2.74 14.12
C ASN C 193 -17.98 4.17 13.91
N TRP C 194 -18.83 5.15 14.21
CA TRP C 194 -18.48 6.52 13.96
C TRP C 194 -17.39 7.03 14.88
N LYS C 195 -17.26 6.44 16.07
CA LYS C 195 -16.17 6.82 16.97
C LYS C 195 -14.86 6.67 16.22
N GLU C 196 -14.65 5.52 15.60
CA GLU C 196 -13.40 5.21 14.90
C GLU C 196 -13.17 6.15 13.71
N VAL C 197 -14.22 6.38 12.92
CA VAL C 197 -14.10 7.26 11.78
C VAL C 197 -13.81 8.68 12.23
N GLU C 198 -14.52 9.14 13.24
CA GLU C 198 -14.21 10.39 13.93
C GLU C 198 -12.76 10.50 14.35
N LYS C 199 -12.24 9.46 14.99
CA LYS C 199 -10.85 9.46 15.40
C LYS C 199 -9.91 9.58 14.20
N ARG C 200 -10.12 8.74 13.19
CA ARG C 200 -9.34 8.79 11.96
C ARG C 200 -9.33 10.21 11.38
N PHE C 201 -10.48 10.87 11.42
CA PHE C 201 -10.61 12.15 10.75
C PHE C 201 -9.82 13.21 11.49
N GLU C 202 -9.68 13.03 12.80
CA GLU C 202 -9.01 14.01 13.62
C GLU C 202 -7.50 13.98 13.39
N ASP C 203 -6.96 12.82 13.04
CA ASP C 203 -5.52 12.68 12.87
C ASP C 203 -5.04 13.19 11.52
N ILE C 204 -5.93 13.80 10.74
CA ILE C 204 -5.48 14.52 9.57
C ILE C 204 -6.11 15.90 9.51
N LEU C 205 -6.62 16.36 10.65
CA LEU C 205 -7.13 17.72 10.82
C LEU C 205 -8.24 18.03 9.80
N GLU D 5 -38.45 1.48 -36.30
CA GLU D 5 -38.59 1.56 -34.82
C GLU D 5 -37.56 0.72 -34.05
N LYS D 6 -37.32 1.11 -32.80
CA LYS D 6 -36.08 0.78 -32.09
C LYS D 6 -36.15 -0.66 -31.57
N LYS D 7 -35.03 -1.20 -31.17
CA LYS D 7 -34.99 -2.58 -30.70
C LYS D 7 -34.07 -2.73 -29.50
N PHE D 8 -34.36 -3.71 -28.64
CA PHE D 8 -33.80 -3.73 -27.29
C PHE D 8 -33.34 -5.13 -26.87
N TYR D 9 -32.63 -5.21 -25.76
CA TYR D 9 -32.12 -6.48 -25.29
C TYR D 9 -33.21 -7.21 -24.52
N GLU D 10 -33.22 -8.53 -24.63
CA GLU D 10 -34.04 -9.36 -23.76
C GLU D 10 -33.28 -10.52 -23.14
N LEU D 11 -33.69 -10.92 -21.96
CA LEU D 11 -33.11 -12.09 -21.31
C LEU D 11 -33.36 -13.33 -22.16
N PRO D 12 -32.30 -13.96 -22.66
CA PRO D 12 -32.48 -15.19 -23.44
C PRO D 12 -32.89 -16.32 -22.52
N GLU D 13 -33.69 -17.23 -23.03
CA GLU D 13 -34.00 -18.45 -22.29
C GLU D 13 -32.74 -19.28 -22.20
N LEU D 14 -32.59 -20.04 -21.11
CA LEU D 14 -31.60 -21.11 -21.06
C LEU D 14 -31.91 -22.22 -22.06
N PRO D 15 -30.86 -22.86 -22.61
CA PRO D 15 -30.97 -24.02 -23.50
C PRO D 15 -31.48 -25.28 -22.81
N TYR D 16 -31.82 -25.16 -21.53
CA TYR D 16 -32.05 -26.32 -20.68
C TYR D 16 -32.64 -25.90 -19.34
N PRO D 17 -33.26 -26.83 -18.61
CA PRO D 17 -33.86 -26.50 -17.32
C PRO D 17 -32.84 -26.14 -16.25
N TYR D 18 -33.29 -25.40 -15.24
CA TYR D 18 -32.41 -24.83 -14.23
C TYR D 18 -31.70 -25.87 -13.40
N ASP D 19 -32.11 -27.12 -13.52
CA ASP D 19 -31.45 -28.19 -12.79
C ASP D 19 -30.65 -29.07 -13.74
N ALA D 20 -30.50 -28.63 -14.97
CA ALA D 20 -29.85 -29.43 -15.99
C ALA D 20 -28.35 -29.63 -15.71
N LEU D 21 -27.79 -28.82 -14.80
CA LEU D 21 -26.35 -28.75 -14.70
C LEU D 21 -25.87 -29.27 -13.35
N GLU D 22 -26.81 -29.77 -12.54
CA GLU D 22 -26.45 -30.39 -11.27
C GLU D 22 -25.69 -31.69 -11.52
N PRO D 23 -24.83 -32.09 -10.57
CA PRO D 23 -24.58 -31.47 -9.27
C PRO D 23 -23.53 -30.36 -9.36
N HIS D 24 -23.09 -30.06 -10.58
CA HIS D 24 -21.93 -29.22 -10.77
C HIS D 24 -22.26 -27.75 -10.57
N ILE D 25 -23.32 -27.28 -11.22
CA ILE D 25 -23.97 -26.04 -10.84
C ILE D 25 -25.39 -26.30 -10.38
N SER D 26 -25.71 -25.86 -9.17
CA SER D 26 -26.99 -26.23 -8.58
C SER D 26 -28.11 -25.41 -9.23
N ARG D 27 -29.33 -25.91 -9.07
CA ARG D 27 -30.50 -25.25 -9.61
C ARG D 27 -30.62 -23.85 -9.01
N GLU D 28 -30.38 -23.73 -7.71
CA GLU D 28 -30.43 -22.43 -7.06
C GLU D 28 -29.40 -21.50 -7.68
N GLN D 29 -28.15 -21.99 -7.74
CA GLN D 29 -27.06 -21.20 -8.27
C GLN D 29 -27.35 -20.68 -9.68
N LEU D 30 -27.88 -21.56 -10.53
CA LEU D 30 -28.12 -21.23 -11.93
C LEU D 30 -29.26 -20.23 -12.03
N THR D 31 -30.27 -20.41 -11.20
CA THR D 31 -31.52 -19.67 -11.37
C THR D 31 -31.29 -18.20 -11.07
N ILE D 32 -30.58 -17.92 -9.98
CA ILE D 32 -30.33 -16.55 -9.63
C ILE D 32 -29.25 -15.84 -10.49
N HIS D 33 -28.21 -16.57 -10.92
CA HIS D 33 -27.24 -16.05 -11.90
C HIS D 33 -27.99 -15.57 -13.15
N HIS D 34 -28.90 -16.41 -13.64
CA HIS D 34 -29.63 -16.11 -14.87
C HIS D 34 -30.65 -15.00 -14.65
N GLN D 35 -31.44 -15.11 -13.60
CA GLN D 35 -32.65 -14.31 -13.53
C GLN D 35 -32.44 -12.99 -12.82
N LYS D 36 -31.38 -12.91 -12.02
CA LYS D 36 -31.05 -11.67 -11.34
C LYS D 36 -29.94 -10.93 -12.06
N HIS D 37 -28.80 -11.57 -12.23
CA HIS D 37 -27.64 -10.85 -12.72
C HIS D 37 -27.72 -10.63 -14.23
N HIS D 38 -27.91 -11.71 -14.99
CA HIS D 38 -27.93 -11.59 -16.43
C HIS D 38 -29.02 -10.58 -16.78
N GLN D 39 -30.14 -10.68 -16.06
CA GLN D 39 -31.24 -9.73 -16.21
C GLN D 39 -30.79 -8.29 -15.95
N ALA D 40 -29.99 -8.09 -14.91
CA ALA D 40 -29.51 -6.76 -14.59
C ALA D 40 -28.72 -6.13 -15.76
N TYR D 41 -27.99 -6.95 -16.52
CA TYR D 41 -27.24 -6.42 -17.65
C TYR D 41 -28.14 -6.06 -18.82
N VAL D 42 -29.14 -6.89 -19.06
CA VAL D 42 -30.21 -6.54 -20.00
C VAL D 42 -30.80 -5.18 -19.66
N ASP D 43 -31.20 -5.00 -18.41
CA ASP D 43 -31.84 -3.76 -18.01
C ASP D 43 -30.87 -2.59 -18.04
N GLY D 44 -29.62 -2.85 -17.64
CA GLY D 44 -28.59 -1.84 -17.67
C GLY D 44 -28.40 -1.32 -19.07
N ALA D 45 -28.22 -2.24 -20.00
CA ALA D 45 -27.94 -1.87 -21.38
C ALA D 45 -29.14 -1.15 -21.98
N ASN D 46 -30.34 -1.60 -21.65
CA ASN D 46 -31.55 -0.97 -22.20
C ASN D 46 -31.77 0.43 -21.65
N ALA D 47 -31.58 0.62 -20.35
CA ALA D 47 -31.76 1.93 -19.76
C ALA D 47 -30.87 2.93 -20.47
N LEU D 48 -29.67 2.47 -20.81
CA LEU D 48 -28.65 3.33 -21.37
C LEU D 48 -28.98 3.65 -22.82
N LEU D 49 -29.47 2.64 -23.53
CA LEU D 49 -29.91 2.82 -24.90
C LEU D 49 -30.97 3.89 -24.95
N ARG D 50 -31.96 3.79 -24.07
CA ARG D 50 -33.03 4.78 -24.03
C ARG D 50 -32.50 6.18 -23.73
N LYS D 51 -31.60 6.27 -22.76
CA LYS D 51 -30.96 7.53 -22.42
C LYS D 51 -30.33 8.19 -23.66
N LEU D 52 -29.56 7.40 -24.41
CA LEU D 52 -28.90 7.95 -25.58
C LEU D 52 -29.89 8.29 -26.70
N ASP D 53 -30.94 7.48 -26.85
CA ASP D 53 -32.00 7.80 -27.79
C ASP D 53 -32.67 9.12 -27.44
N GLU D 54 -33.02 9.29 -26.18
CA GLU D 54 -33.64 10.52 -25.73
C GLU D 54 -32.78 11.73 -26.06
N ALA D 55 -31.48 11.62 -25.80
CA ALA D 55 -30.61 12.78 -26.00
C ALA D 55 -30.57 13.13 -27.48
N ARG D 56 -30.65 12.12 -28.32
CA ARG D 56 -30.61 12.31 -29.77
C ARG D 56 -31.91 12.91 -30.30
N GLU D 57 -33.03 12.47 -29.76
CA GLU D 57 -34.30 13.01 -30.19
C GLU D 57 -34.47 14.46 -29.75
N SER D 58 -33.94 14.80 -28.57
CA SER D 58 -34.05 16.16 -28.09
C SER D 58 -32.81 16.95 -28.47
N ASP D 59 -31.94 16.32 -29.26
CA ASP D 59 -30.67 16.89 -29.70
C ASP D 59 -29.89 17.58 -28.58
N THR D 60 -29.84 16.94 -27.43
CA THR D 60 -29.13 17.49 -26.28
C THR D 60 -27.83 16.76 -25.97
N ASP D 61 -27.02 17.33 -25.11
CA ASP D 61 -25.71 16.78 -24.81
C ASP D 61 -25.86 15.63 -23.82
N VAL D 62 -25.00 14.63 -23.93
CA VAL D 62 -24.81 13.68 -22.85
C VAL D 62 -23.33 13.57 -22.48
N ASP D 63 -23.06 13.06 -21.30
CA ASP D 63 -21.71 12.63 -20.95
C ASP D 63 -21.37 11.29 -21.59
N ILE D 64 -20.79 11.32 -22.78
CA ILE D 64 -20.72 10.08 -23.55
C ILE D 64 -19.58 9.20 -23.09
N LYS D 65 -18.57 9.81 -22.45
CA LYS D 65 -17.53 9.04 -21.78
C LYS D 65 -18.15 8.10 -20.76
N ALA D 66 -18.92 8.65 -19.82
CA ALA D 66 -19.59 7.86 -18.83
C ALA D 66 -20.53 6.86 -19.49
N ALA D 67 -21.29 7.33 -20.46
CA ALA D 67 -22.28 6.50 -21.14
C ALA D 67 -21.65 5.28 -21.81
N LEU D 68 -20.60 5.50 -22.58
CA LEU D 68 -19.99 4.42 -23.34
C LEU D 68 -19.23 3.45 -22.42
N LYS D 69 -18.66 3.97 -21.33
CA LYS D 69 -18.02 3.09 -20.36
C LYS D 69 -19.05 2.15 -19.76
N GLU D 70 -20.17 2.71 -19.33
CA GLU D 70 -21.23 1.92 -18.78
C GLU D 70 -21.81 0.96 -19.82
N LEU D 71 -21.97 1.44 -21.06
CA LEU D 71 -22.58 0.62 -22.10
C LEU D 71 -21.72 -0.60 -22.36
N SER D 72 -20.40 -0.42 -22.36
CA SER D 72 -19.51 -1.53 -22.65
C SER D 72 -19.59 -2.56 -21.52
N PHE D 73 -19.82 -2.08 -20.30
CA PHE D 73 -19.96 -2.93 -19.14
C PHE D 73 -21.18 -3.84 -19.24
N HIS D 74 -22.35 -3.26 -19.50
CA HIS D 74 -23.57 -4.01 -19.51
C HIS D 74 -23.75 -4.89 -20.75
N VAL D 75 -23.36 -4.38 -21.91
CA VAL D 75 -23.48 -5.17 -23.12
C VAL D 75 -22.48 -6.31 -23.10
N GLY D 76 -21.31 -6.04 -22.53
CA GLY D 76 -20.35 -7.10 -22.27
C GLY D 76 -20.90 -8.15 -21.34
N GLY D 77 -21.49 -7.70 -20.24
CA GLY D 77 -22.25 -8.59 -19.39
C GLY D 77 -23.27 -9.41 -20.14
N TYR D 78 -24.11 -8.76 -20.93
CA TYR D 78 -25.11 -9.47 -21.71
C TYR D 78 -24.50 -10.51 -22.66
N VAL D 79 -23.52 -10.07 -23.47
CA VAL D 79 -22.92 -10.93 -24.46
C VAL D 79 -22.22 -12.14 -23.84
N LEU D 80 -21.44 -11.93 -22.80
CA LEU D 80 -20.68 -13.02 -22.19
C LEU D 80 -21.57 -14.07 -21.50
N HIS D 81 -22.61 -13.62 -20.79
CA HIS D 81 -23.55 -14.57 -20.20
C HIS D 81 -24.25 -15.35 -21.32
N LEU D 82 -24.50 -14.69 -22.44
CA LEU D 82 -25.16 -15.37 -23.56
C LEU D 82 -24.33 -16.56 -24.06
N PHE D 83 -23.04 -16.34 -24.30
CA PHE D 83 -22.17 -17.42 -24.74
C PHE D 83 -21.89 -18.44 -23.65
N PHE D 84 -21.90 -17.98 -22.40
CA PHE D 84 -21.65 -18.86 -21.25
C PHE D 84 -22.71 -19.96 -21.18
N TRP D 85 -23.98 -19.58 -21.12
CA TRP D 85 -25.07 -20.56 -21.08
C TRP D 85 -24.94 -21.50 -22.25
N GLY D 86 -24.55 -20.94 -23.39
CA GLY D 86 -24.52 -21.72 -24.61
C GLY D 86 -23.43 -22.76 -24.66
N ASN D 87 -22.31 -22.56 -23.97
CA ASN D 87 -21.26 -23.58 -24.00
C ASN D 87 -21.21 -24.40 -22.71
N MET D 88 -22.37 -24.52 -22.08
CA MET D 88 -22.59 -25.56 -21.09
C MET D 88 -23.80 -26.43 -21.45
N GLY D 89 -23.86 -27.61 -20.83
CA GLY D 89 -25.06 -28.43 -20.91
C GLY D 89 -25.01 -29.58 -19.93
N PRO D 90 -26.03 -30.45 -19.92
CA PRO D 90 -26.10 -31.63 -19.04
C PRO D 90 -24.81 -32.45 -19.05
N ALA D 91 -24.37 -32.88 -17.88
CA ALA D 91 -23.08 -33.54 -17.75
C ALA D 91 -23.01 -34.81 -18.59
N ASP D 92 -24.14 -35.49 -18.72
CA ASP D 92 -24.18 -36.77 -19.40
C ASP D 92 -24.30 -36.61 -20.91
N GLU D 93 -24.37 -35.36 -21.38
CA GLU D 93 -24.28 -35.09 -22.80
C GLU D 93 -23.04 -34.29 -23.14
N CYS D 94 -22.34 -33.83 -22.11
CA CYS D 94 -21.28 -32.85 -22.30
C CYS D 94 -20.02 -33.26 -21.52
N GLY D 95 -19.11 -32.30 -21.32
CA GLY D 95 -17.84 -32.59 -20.69
C GLY D 95 -16.99 -33.32 -21.70
N GLY D 96 -16.10 -34.19 -21.21
CA GLY D 96 -15.16 -34.85 -22.09
C GLY D 96 -14.22 -33.84 -22.71
N GLU D 97 -13.62 -34.19 -23.84
CA GLU D 97 -12.87 -33.20 -24.56
C GLU D 97 -13.29 -33.03 -26.00
N PRO D 98 -12.86 -31.94 -26.64
CA PRO D 98 -13.34 -31.64 -27.99
C PRO D 98 -12.71 -32.53 -29.03
N SER D 99 -13.28 -32.53 -30.22
CA SER D 99 -12.70 -33.25 -31.36
C SER D 99 -12.69 -32.36 -32.61
N GLY D 100 -12.25 -32.91 -33.73
CA GLY D 100 -12.25 -32.15 -34.96
C GLY D 100 -11.21 -31.06 -34.93
N LYS D 101 -11.42 -30.02 -35.71
CA LYS D 101 -10.41 -28.99 -35.89
C LYS D 101 -10.02 -28.36 -34.55
N LEU D 102 -11.02 -28.08 -33.70
CA LEU D 102 -10.77 -27.49 -32.40
C LEU D 102 -9.75 -28.33 -31.64
N ALA D 103 -9.97 -29.64 -31.63
CA ALA D 103 -9.04 -30.55 -31.00
C ALA D 103 -7.63 -30.39 -31.59
N GLU D 104 -7.56 -30.31 -32.91
CA GLU D 104 -6.27 -30.16 -33.58
C GLU D 104 -5.58 -28.85 -33.23
N TYR D 105 -6.34 -27.77 -33.16
CA TYR D 105 -5.77 -26.48 -32.79
C TYR D 105 -5.31 -26.42 -31.34
N ILE D 106 -6.09 -27.03 -30.46
CA ILE D 106 -5.72 -27.05 -29.05
C ILE D 106 -4.41 -27.79 -28.84
N GLU D 107 -4.22 -28.87 -29.60
CA GLU D 107 -2.94 -29.57 -29.62
C GLU D 107 -1.77 -28.75 -30.10
N LYS D 108 -1.92 -28.11 -31.27
CA LYS D 108 -0.78 -27.45 -31.88
C LYS D 108 -0.46 -26.15 -31.14
N ASP D 109 -1.47 -25.49 -30.59
CA ASP D 109 -1.24 -24.25 -29.88
C ASP D 109 -0.87 -24.44 -28.41
N PHE D 110 -1.39 -25.49 -27.78
CA PHE D 110 -1.10 -25.72 -26.37
C PHE D 110 -0.27 -26.96 -26.10
N GLY D 111 -0.10 -27.81 -27.11
CA GLY D 111 0.69 -29.01 -26.92
C GLY D 111 -0.16 -30.21 -26.54
N SER D 112 -1.18 -29.98 -25.73
CA SER D 112 -2.15 -31.04 -25.39
C SER D 112 -3.44 -30.42 -24.86
N PHE D 113 -4.49 -31.21 -24.79
CA PHE D 113 -5.68 -30.78 -24.07
C PHE D 113 -5.41 -30.47 -22.60
N GLU D 114 -4.61 -31.31 -21.93
CA GLU D 114 -4.28 -31.06 -20.53
C GLU D 114 -3.70 -29.68 -20.33
N ARG D 115 -2.69 -29.36 -21.12
CA ARG D 115 -2.04 -28.06 -21.02
C ARG D 115 -3.08 -26.96 -21.19
N PHE D 116 -3.90 -27.05 -22.23
CA PHE D 116 -4.98 -26.08 -22.43
C PHE D 116 -5.85 -25.98 -21.19
N ARG D 117 -6.37 -27.13 -20.75
CA ARG D 117 -7.30 -27.20 -19.64
C ARG D 117 -6.69 -26.48 -18.45
N LYS D 118 -5.40 -26.62 -18.29
CA LYS D 118 -4.73 -26.13 -17.11
C LYS D 118 -4.55 -24.63 -17.22
N GLU D 119 -4.05 -24.20 -18.37
CA GLU D 119 -3.87 -22.77 -18.62
C GLU D 119 -5.21 -22.02 -18.51
N PHE D 120 -6.24 -22.57 -19.13
CA PHE D 120 -7.55 -21.93 -19.12
C PHE D 120 -8.05 -21.87 -17.68
N SER D 121 -7.72 -22.91 -16.89
CA SER D 121 -8.14 -22.95 -15.50
C SER D 121 -7.40 -21.92 -14.66
N GLN D 122 -6.10 -21.73 -14.91
CA GLN D 122 -5.36 -20.67 -14.22
C GLN D 122 -5.90 -19.29 -14.59
N ALA D 123 -6.28 -19.12 -15.85
CA ALA D 123 -6.87 -17.86 -16.30
C ALA D 123 -8.13 -17.55 -15.52
N ALA D 124 -8.94 -18.58 -15.26
CA ALA D 124 -10.17 -18.40 -14.49
C ALA D 124 -9.85 -18.14 -13.02
N ILE D 125 -9.06 -19.04 -12.44
CA ILE D 125 -8.84 -19.00 -11.00
C ILE D 125 -8.14 -17.69 -10.59
N SER D 126 -7.19 -17.24 -11.39
CA SER D 126 -6.30 -16.17 -10.95
C SER D 126 -6.84 -14.77 -11.19
N ALA D 127 -8.02 -14.67 -11.81
CA ALA D 127 -8.57 -13.37 -12.14
C ALA D 127 -8.82 -12.57 -10.88
N GLU D 128 -8.35 -11.33 -10.87
CA GLU D 128 -8.48 -10.49 -9.68
C GLU D 128 -9.89 -9.93 -9.61
N GLY D 129 -10.71 -10.49 -8.73
CA GLY D 129 -12.09 -10.06 -8.60
C GLY D 129 -12.94 -10.59 -9.74
N SER D 130 -13.95 -9.82 -10.12
CA SER D 130 -14.92 -10.26 -11.11
C SER D 130 -14.26 -10.41 -12.48
N GLY D 131 -14.59 -11.48 -13.19
CA GLY D 131 -14.15 -11.58 -14.56
C GLY D 131 -14.36 -12.95 -15.17
N TRP D 132 -13.67 -13.22 -16.28
CA TRP D 132 -13.97 -14.35 -17.15
C TRP D 132 -12.65 -14.90 -17.68
N ALA D 133 -12.63 -16.20 -17.96
CA ALA D 133 -11.69 -16.77 -18.93
C ALA D 133 -12.40 -17.04 -20.25
N VAL D 134 -11.78 -16.60 -21.35
CA VAL D 134 -12.41 -16.68 -22.67
C VAL D 134 -11.41 -17.23 -23.68
N LEU D 135 -11.83 -18.25 -24.44
CA LEU D 135 -11.03 -18.73 -25.57
C LEU D 135 -11.39 -18.00 -26.85
N THR D 136 -10.38 -17.66 -27.66
CA THR D 136 -10.62 -17.00 -28.93
C THR D 136 -9.50 -17.38 -29.92
N TYR D 137 -9.43 -16.67 -31.04
CA TYR D 137 -8.66 -17.12 -32.20
C TYR D 137 -8.13 -15.93 -33.00
N CYS D 138 -6.83 -15.90 -33.25
CA CYS D 138 -6.23 -14.92 -34.13
C CYS D 138 -6.06 -15.54 -35.51
N GLN D 139 -7.09 -15.37 -36.33
CA GLN D 139 -6.99 -15.25 -37.79
C GLN D 139 -5.59 -14.90 -38.34
N ARG D 140 -5.01 -13.79 -37.91
CA ARG D 140 -3.74 -13.35 -38.47
C ARG D 140 -2.61 -14.39 -38.29
N THR D 141 -2.37 -14.82 -37.05
CA THR D 141 -1.28 -15.77 -36.75
C THR D 141 -1.78 -17.20 -36.68
N ASP D 142 -3.08 -17.39 -36.84
CA ASP D 142 -3.70 -18.70 -36.91
C ASP D 142 -3.53 -19.48 -35.59
N ARG D 143 -3.75 -18.79 -34.48
CA ARG D 143 -3.49 -19.32 -33.15
C ARG D 143 -4.71 -19.13 -32.25
N LEU D 144 -5.05 -20.13 -31.44
CA LEU D 144 -5.95 -19.92 -30.34
C LEU D 144 -5.30 -19.08 -29.25
N PHE D 145 -6.03 -18.05 -28.78
CA PHE D 145 -5.61 -17.22 -27.65
C PHE D 145 -6.57 -17.44 -26.50
N ILE D 146 -6.05 -17.36 -25.28
CA ILE D 146 -6.89 -17.15 -24.11
C ILE D 146 -6.84 -15.69 -23.67
N MET D 147 -7.97 -15.10 -23.32
CA MET D 147 -7.92 -13.80 -22.62
C MET D 147 -8.58 -13.85 -21.26
N GLN D 148 -8.05 -13.07 -20.33
CA GLN D 148 -8.63 -13.00 -19.00
C GLN D 148 -9.32 -11.66 -18.86
N VAL D 149 -10.66 -11.67 -18.96
CA VAL D 149 -11.46 -10.45 -18.92
C VAL D 149 -11.80 -10.09 -17.47
N GLU D 150 -11.42 -8.89 -17.05
CA GLU D 150 -11.92 -8.36 -15.79
C GLU D 150 -13.25 -7.65 -15.99
N LYS D 151 -14.09 -7.65 -14.97
CA LYS D 151 -15.50 -7.31 -15.17
C LYS D 151 -16.09 -7.96 -16.42
N HIS D 152 -16.66 -7.17 -17.32
CA HIS D 152 -17.15 -7.75 -18.57
C HIS D 152 -16.47 -7.17 -19.81
N ASN D 153 -15.41 -6.38 -19.62
CA ASN D 153 -14.99 -5.43 -20.63
C ASN D 153 -13.59 -4.87 -20.41
N VAL D 154 -12.80 -5.50 -19.55
CA VAL D 154 -11.43 -5.08 -19.32
C VAL D 154 -10.40 -6.14 -19.72
N ASN D 155 -9.35 -5.69 -20.38
CA ASN D 155 -8.35 -6.62 -20.92
C ASN D 155 -8.94 -7.54 -21.97
N VAL D 156 -9.76 -6.99 -22.86
CA VAL D 156 -10.21 -7.79 -23.98
C VAL D 156 -9.70 -7.20 -25.29
N ILE D 157 -9.35 -8.09 -26.23
CA ILE D 157 -8.82 -7.69 -27.52
C ILE D 157 -10.01 -7.32 -28.41
N PRO D 158 -10.12 -6.05 -28.79
CA PRO D 158 -11.22 -5.71 -29.69
C PRO D 158 -11.20 -6.55 -30.95
N HIS D 159 -12.40 -6.88 -31.44
CA HIS D 159 -12.60 -7.56 -32.72
C HIS D 159 -12.49 -9.09 -32.67
N PHE D 160 -11.83 -9.64 -31.65
CA PHE D 160 -11.73 -11.08 -31.52
C PHE D 160 -13.03 -11.74 -31.06
N ARG D 161 -13.32 -12.92 -31.60
CA ARG D 161 -14.61 -13.55 -31.43
C ARG D 161 -14.60 -14.65 -30.36
N ILE D 162 -15.76 -14.91 -29.77
CA ILE D 162 -15.84 -15.80 -28.63
C ILE D 162 -16.01 -17.27 -29.05
N LEU D 163 -15.18 -18.14 -28.49
CA LEU D 163 -15.34 -19.56 -28.68
C LEU D 163 -15.85 -20.26 -27.42
N LEU D 164 -15.20 -19.97 -26.30
CA LEU D 164 -15.49 -20.64 -25.03
C LEU D 164 -15.42 -19.60 -23.91
N VAL D 165 -16.31 -19.70 -22.93
CA VAL D 165 -16.42 -18.67 -21.92
C VAL D 165 -16.70 -19.27 -20.57
N LEU D 166 -15.98 -18.82 -19.54
CA LEU D 166 -16.23 -19.29 -18.17
C LEU D 166 -16.39 -18.13 -17.19
N ASP D 167 -17.59 -17.96 -16.64
CA ASP D 167 -17.84 -16.85 -15.70
C ASP D 167 -17.13 -17.16 -14.39
N VAL D 168 -16.44 -16.18 -13.84
CA VAL D 168 -15.76 -16.39 -12.58
C VAL D 168 -15.96 -15.19 -11.63
N TRP D 169 -16.87 -14.28 -12.01
CA TRP D 169 -17.60 -13.48 -11.03
C TRP D 169 -18.00 -14.33 -9.83
N GLU D 170 -17.93 -13.77 -8.64
CA GLU D 170 -18.28 -14.53 -7.46
C GLU D 170 -19.75 -14.97 -7.46
N HIS D 171 -20.64 -14.17 -8.08
CA HIS D 171 -22.05 -14.54 -8.15
C HIS D 171 -22.29 -15.83 -8.91
N ALA D 172 -21.32 -16.27 -9.70
CA ALA D 172 -21.49 -17.46 -10.48
C ALA D 172 -21.28 -18.76 -9.69
N TYR D 173 -20.71 -18.66 -8.48
CA TYR D 173 -20.35 -19.87 -7.75
C TYR D 173 -20.44 -19.78 -6.24
N TYR D 174 -20.67 -18.58 -5.70
CA TYR D 174 -20.52 -18.43 -4.26
C TYR D 174 -21.58 -19.21 -3.47
N ILE D 175 -22.76 -19.41 -4.08
CA ILE D 175 -23.79 -20.19 -3.42
C ILE D 175 -23.38 -21.66 -3.30
N ASP D 176 -22.86 -22.25 -4.38
CA ASP D 176 -22.47 -23.65 -4.35
C ASP D 176 -21.08 -23.89 -3.75
N TYR D 177 -20.15 -22.95 -3.93
CA TYR D 177 -18.76 -23.21 -3.57
C TYR D 177 -18.16 -22.18 -2.66
N ARG D 178 -18.97 -21.20 -2.25
CA ARG D 178 -18.48 -20.12 -1.40
C ARG D 178 -17.17 -19.58 -1.97
N ASN D 179 -16.13 -19.53 -1.17
CA ASN D 179 -14.88 -18.90 -1.61
C ASN D 179 -14.08 -19.79 -2.57
N VAL D 180 -14.45 -21.05 -2.71
CA VAL D 180 -13.52 -22.03 -3.26
C VAL D 180 -13.63 -22.10 -4.79
N ARG D 181 -13.23 -21.01 -5.43
CA ARG D 181 -13.36 -20.87 -6.87
C ARG D 181 -12.73 -22.03 -7.68
N PRO D 182 -11.63 -22.59 -7.20
CA PRO D 182 -11.05 -23.74 -7.91
C PRO D 182 -11.95 -24.98 -8.03
N ASP D 183 -12.76 -25.26 -7.00
CA ASP D 183 -13.69 -26.38 -7.11
C ASP D 183 -14.74 -26.12 -8.18
N TYR D 184 -15.22 -24.87 -8.25
CA TYR D 184 -16.16 -24.48 -9.29
C TYR D 184 -15.54 -24.60 -10.68
N VAL D 185 -14.33 -24.08 -10.85
CA VAL D 185 -13.63 -24.21 -12.12
C VAL D 185 -13.44 -25.66 -12.51
N GLU D 186 -13.10 -26.49 -11.54
CA GLU D 186 -12.95 -27.91 -11.78
C GLU D 186 -14.27 -28.57 -12.19
N ALA D 187 -15.36 -28.22 -11.51
CA ALA D 187 -16.68 -28.76 -11.86
C ALA D 187 -17.07 -28.38 -13.30
N PHE D 188 -16.62 -27.22 -13.75
CA PHE D 188 -17.05 -26.66 -15.01
C PHE D 188 -16.75 -27.60 -16.17
N TRP D 189 -15.62 -28.29 -16.09
CA TRP D 189 -15.18 -29.13 -17.19
C TRP D 189 -16.08 -30.34 -17.39
N ASN D 190 -16.91 -30.63 -16.40
CA ASN D 190 -17.92 -31.68 -16.51
C ASN D 190 -19.10 -31.30 -17.40
N ILE D 191 -19.31 -30.00 -17.59
CA ILE D 191 -20.49 -29.53 -18.28
C ILE D 191 -20.20 -28.62 -19.48
N VAL D 192 -18.94 -28.54 -19.88
CA VAL D 192 -18.61 -27.83 -21.13
C VAL D 192 -19.28 -28.51 -22.30
N ASN D 193 -19.97 -27.72 -23.11
CA ASN D 193 -20.57 -28.20 -24.36
C ASN D 193 -19.61 -28.02 -25.53
N TRP D 194 -18.79 -29.02 -25.79
CA TRP D 194 -17.79 -28.90 -26.84
C TRP D 194 -18.40 -28.83 -28.23
N LYS D 195 -19.58 -29.44 -28.41
CA LYS D 195 -20.26 -29.34 -29.69
C LYS D 195 -20.43 -27.90 -30.08
N GLU D 196 -20.92 -27.09 -29.16
CA GLU D 196 -21.19 -25.67 -29.41
C GLU D 196 -19.91 -24.90 -29.70
N VAL D 197 -18.87 -25.14 -28.89
CA VAL D 197 -17.60 -24.47 -29.06
C VAL D 197 -17.00 -24.84 -30.40
N GLU D 198 -17.01 -26.14 -30.70
CA GLU D 198 -16.64 -26.63 -32.02
C GLU D 198 -17.37 -25.89 -33.15
N LYS D 199 -18.68 -25.76 -33.02
CA LYS D 199 -19.46 -25.08 -34.04
C LYS D 199 -19.01 -23.63 -34.18
N ARG D 200 -18.95 -22.91 -33.06
CA ARG D 200 -18.44 -21.54 -33.07
C ARG D 200 -17.09 -21.41 -33.76
N PHE D 201 -16.21 -22.39 -33.54
CA PHE D 201 -14.85 -22.29 -34.06
C PHE D 201 -14.85 -22.46 -35.56
N GLU D 202 -15.80 -23.23 -36.07
CA GLU D 202 -15.85 -23.50 -37.50
C GLU D 202 -16.31 -22.28 -38.30
N ASP D 203 -17.13 -21.44 -37.68
CA ASP D 203 -17.66 -20.28 -38.38
C ASP D 203 -16.68 -19.12 -38.43
N ILE D 204 -15.46 -19.33 -37.99
CA ILE D 204 -14.42 -18.37 -38.25
C ILE D 204 -13.17 -19.05 -38.79
N LEU D 205 -13.34 -20.28 -39.26
CA LEU D 205 -12.28 -21.02 -39.95
C LEU D 205 -11.04 -21.18 -39.06
N GLU E 5 -17.68 29.33 3.10
CA GLU E 5 -17.66 29.37 1.61
C GLU E 5 -16.61 28.45 0.97
N LYS E 6 -16.85 28.08 -0.28
CA LYS E 6 -16.24 26.90 -0.88
C LYS E 6 -14.81 27.20 -1.31
N LYS E 7 -14.04 26.16 -1.61
CA LYS E 7 -12.65 26.35 -1.99
C LYS E 7 -12.24 25.39 -3.11
N PHE E 8 -11.27 25.79 -3.92
CA PHE E 8 -11.06 25.16 -5.22
C PHE E 8 -9.59 24.95 -5.50
N TYR E 9 -9.30 24.21 -6.56
CA TYR E 9 -7.93 23.92 -6.93
C TYR E 9 -7.36 25.08 -7.73
N GLU E 10 -6.07 25.32 -7.56
CA GLU E 10 -5.32 26.22 -8.43
C GLU E 10 -4.00 25.64 -8.91
N LEU E 11 -3.59 26.06 -10.11
CA LEU E 11 -2.30 25.65 -10.64
C LEU E 11 -1.20 26.18 -9.73
N PRO E 12 -0.43 25.27 -9.11
CA PRO E 12 0.70 25.71 -8.29
C PRO E 12 1.79 26.27 -9.19
N GLU E 13 2.51 27.26 -8.68
CA GLU E 13 3.72 27.73 -9.33
C GLU E 13 4.77 26.65 -9.30
N LEU E 14 5.63 26.60 -10.31
CA LEU E 14 6.84 25.78 -10.21
C LEU E 14 7.79 26.34 -9.18
N PRO E 15 8.56 25.46 -8.53
CA PRO E 15 9.63 25.82 -7.59
C PRO E 15 10.82 26.51 -8.24
N TYR E 16 10.73 26.78 -9.55
CA TYR E 16 11.90 27.14 -10.33
C TYR E 16 11.47 27.56 -11.72
N PRO E 17 12.33 28.30 -12.45
CA PRO E 17 11.98 28.76 -13.81
C PRO E 17 11.89 27.64 -14.83
N TYR E 18 11.14 27.87 -15.90
CA TYR E 18 10.82 26.84 -16.86
C TYR E 18 12.04 26.27 -17.57
N ASP E 19 13.18 26.91 -17.41
CA ASP E 19 14.40 26.40 -18.03
C ASP E 19 15.35 25.84 -16.99
N ALA E 20 14.84 25.71 -15.76
CA ALA E 20 15.65 25.25 -14.66
C ALA E 20 16.14 23.82 -14.84
N LEU E 21 15.51 23.07 -15.74
CA LEU E 21 15.72 21.62 -15.76
C LEU E 21 16.41 21.15 -17.03
N GLU E 22 16.77 22.10 -17.89
CA GLU E 22 17.54 21.80 -19.09
C GLU E 22 18.91 21.32 -18.71
N PRO E 23 19.54 20.49 -19.54
CA PRO E 23 19.06 20.06 -20.86
C PRO E 23 18.14 18.86 -20.78
N HIS E 24 17.83 18.44 -19.57
CA HIS E 24 17.21 17.13 -19.33
C HIS E 24 15.72 17.18 -19.64
N ILE E 25 15.04 18.18 -19.10
CA ILE E 25 13.75 18.57 -19.59
C ILE E 25 13.79 19.99 -20.13
N SER E 26 13.40 20.15 -21.38
CA SER E 26 13.54 21.43 -22.05
C SER E 26 12.51 22.43 -21.53
N ARG E 27 12.78 23.71 -21.72
CA ARG E 27 11.87 24.73 -21.27
C ARG E 27 10.53 24.62 -22.00
N GLU E 28 10.56 24.26 -23.27
CA GLU E 28 9.32 24.06 -24.02
C GLU E 28 8.54 22.90 -23.40
N GLN E 29 9.24 21.78 -23.21
CA GLN E 29 8.61 20.59 -22.65
C GLN E 29 7.94 20.91 -21.31
N LEU E 30 8.66 21.62 -20.44
CA LEU E 30 8.22 21.88 -19.09
C LEU E 30 7.02 22.83 -19.12
N THR E 31 7.09 23.81 -20.00
CA THR E 31 6.12 24.90 -19.98
C THR E 31 4.72 24.41 -20.35
N ILE E 32 4.65 23.57 -21.38
CA ILE E 32 3.37 23.04 -21.80
C ILE E 32 2.83 21.91 -20.90
N HIS E 33 3.68 21.04 -20.36
CA HIS E 33 3.25 20.05 -19.36
C HIS E 33 2.57 20.80 -18.20
N HIS E 34 3.20 21.87 -17.73
CA HIS E 34 2.70 22.60 -16.56
C HIS E 34 1.44 23.38 -16.91
N GLN E 35 1.49 24.12 -18.01
CA GLN E 35 0.50 25.16 -18.24
C GLN E 35 -0.71 24.68 -18.99
N LYS E 36 -0.54 23.59 -19.74
CA LYS E 36 -1.66 22.98 -20.44
C LYS E 36 -2.24 21.79 -19.68
N HIS E 37 -1.42 20.79 -19.41
CA HIS E 37 -1.95 19.56 -18.87
C HIS E 37 -2.29 19.68 -17.40
N HIS E 38 -1.32 20.10 -16.60
CA HIS E 38 -1.54 20.22 -15.16
C HIS E 38 -2.73 21.12 -14.96
N GLN E 39 -2.79 22.18 -15.75
CA GLN E 39 -3.93 23.12 -15.74
C GLN E 39 -5.26 22.41 -16.03
N ALA E 40 -5.25 21.52 -17.01
CA ALA E 40 -6.44 20.78 -17.39
C ALA E 40 -7.00 19.97 -16.21
N TYR E 41 -6.13 19.42 -15.36
CA TYR E 41 -6.61 18.65 -14.21
C TYR E 41 -7.18 19.54 -13.11
N VAL E 42 -6.55 20.70 -12.90
CA VAL E 42 -7.13 21.76 -12.08
C VAL E 42 -8.55 22.06 -12.53
N ASP E 43 -8.72 22.36 -13.82
CA ASP E 43 -10.05 22.75 -14.31
C ASP E 43 -11.02 21.56 -14.27
N GLY E 44 -10.51 20.37 -14.57
CA GLY E 44 -11.32 19.17 -14.54
C GLY E 44 -11.91 18.96 -13.17
N ALA E 45 -11.04 18.97 -12.17
CA ALA E 45 -11.44 18.74 -10.81
C ALA E 45 -12.39 19.84 -10.33
N ASN E 46 -12.15 21.09 -10.73
CA ASN E 46 -13.01 22.17 -10.27
C ASN E 46 -14.40 22.10 -10.92
N ALA E 47 -14.45 21.80 -12.22
CA ALA E 47 -15.73 21.73 -12.93
C ALA E 47 -16.61 20.73 -12.21
N LEU E 48 -15.98 19.67 -11.76
CA LEU E 48 -16.70 18.54 -11.18
C LEU E 48 -17.15 18.88 -9.79
N LEU E 49 -16.27 19.54 -9.03
CA LEU E 49 -16.65 20.03 -7.71
C LEU E 49 -17.89 20.91 -7.79
N ARG E 50 -17.90 21.84 -8.74
CA ARG E 50 -19.05 22.71 -8.91
C ARG E 50 -20.33 21.93 -9.26
N LYS E 51 -20.19 20.98 -10.18
CA LYS E 51 -21.29 20.11 -10.54
C LYS E 51 -21.90 19.44 -9.30
N LEU E 52 -21.05 18.86 -8.45
CA LEU E 52 -21.54 18.17 -7.27
C LEU E 52 -22.13 19.14 -6.25
N ASP E 53 -21.55 20.33 -6.14
CA ASP E 53 -22.11 21.37 -5.28
C ASP E 53 -23.49 21.78 -5.75
N GLU E 54 -23.63 22.01 -7.05
CA GLU E 54 -24.92 22.39 -7.61
C GLU E 54 -25.98 21.33 -7.30
N ALA E 55 -25.65 20.06 -7.47
CA ALA E 55 -26.64 19.03 -7.28
C ALA E 55 -27.08 18.98 -5.82
N ARG E 56 -26.15 19.30 -4.93
CA ARG E 56 -26.47 19.28 -3.51
C ARG E 56 -27.31 20.49 -3.11
N GLU E 57 -27.04 21.64 -3.70
CA GLU E 57 -27.81 22.85 -3.40
C GLU E 57 -29.23 22.72 -3.93
N SER E 58 -29.39 22.08 -5.07
CA SER E 58 -30.71 21.90 -5.65
C SER E 58 -31.29 20.56 -5.23
N ASP E 59 -30.58 19.88 -4.34
CA ASP E 59 -30.97 18.56 -3.85
C ASP E 59 -31.44 17.64 -4.97
N THR E 60 -30.73 17.65 -6.09
CA THR E 60 -31.04 16.75 -7.19
C THR E 60 -30.06 15.59 -7.35
N ASP E 61 -30.43 14.64 -8.19
CA ASP E 61 -29.64 13.42 -8.39
C ASP E 61 -28.46 13.72 -9.29
N VAL E 62 -27.33 13.05 -9.05
CA VAL E 62 -26.26 12.96 -10.05
C VAL E 62 -25.88 11.52 -10.29
N ASP E 63 -25.25 11.28 -11.44
CA ASP E 63 -24.57 10.02 -11.67
C ASP E 63 -23.25 9.98 -10.90
N ILE E 64 -23.25 9.44 -9.68
CA ILE E 64 -22.07 9.63 -8.85
C ILE E 64 -20.97 8.64 -9.19
N LYS E 65 -21.34 7.50 -9.76
CA LYS E 65 -20.38 6.59 -10.33
C LYS E 65 -19.47 7.30 -11.33
N ALA E 66 -20.09 7.88 -12.34
CA ALA E 66 -19.36 8.67 -13.35
C ALA E 66 -18.57 9.80 -12.68
N ALA E 67 -19.24 10.52 -11.78
CA ALA E 67 -18.64 11.69 -11.16
C ALA E 67 -17.37 11.31 -10.39
N LEU E 68 -17.45 10.26 -9.57
CA LEU E 68 -16.35 9.94 -8.69
C LEU E 68 -15.19 9.29 -9.46
N LYS E 69 -15.52 8.56 -10.52
CA LYS E 69 -14.47 8.04 -11.40
C LYS E 69 -13.69 9.21 -12.03
N GLU E 70 -14.42 10.19 -12.52
CA GLU E 70 -13.78 11.33 -13.14
C GLU E 70 -13.02 12.10 -12.09
N LEU E 71 -13.62 12.25 -10.91
CA LEU E 71 -13.00 13.07 -9.87
C LEU E 71 -11.66 12.46 -9.48
N SER E 72 -11.62 11.12 -9.39
CA SER E 72 -10.40 10.48 -8.96
C SER E 72 -9.32 10.67 -10.02
N PHE E 73 -9.74 10.77 -11.28
CA PHE E 73 -8.84 10.97 -12.41
C PHE E 73 -8.15 12.32 -12.34
N HIS E 74 -8.94 13.38 -12.20
CA HIS E 74 -8.43 14.74 -12.24
C HIS E 74 -7.70 15.15 -10.97
N VAL E 75 -8.21 14.73 -9.82
CA VAL E 75 -7.56 15.07 -8.58
C VAL E 75 -6.25 14.29 -8.46
N GLY E 76 -6.28 13.05 -8.91
CA GLY E 76 -5.03 12.30 -9.06
C GLY E 76 -4.02 12.95 -9.98
N GLY E 77 -4.48 13.40 -11.15
CA GLY E 77 -3.69 14.26 -12.00
C GLY E 77 -3.11 15.46 -11.28
N TYR E 78 -3.97 16.21 -10.59
CA TYR E 78 -3.51 17.36 -9.82
C TYR E 78 -2.46 17.00 -8.77
N VAL E 79 -2.76 15.99 -7.95
CA VAL E 79 -1.89 15.64 -6.85
C VAL E 79 -0.52 15.13 -7.33
N LEU E 80 -0.52 14.24 -8.33
CA LEU E 80 0.72 13.67 -8.81
C LEU E 80 1.63 14.71 -9.49
N HIS E 81 1.06 15.60 -10.31
CA HIS E 81 1.89 16.63 -10.92
C HIS E 81 2.46 17.52 -9.81
N LEU E 82 1.66 17.75 -8.77
CA LEU E 82 2.14 18.57 -7.65
C LEU E 82 3.42 17.98 -7.03
N PHE E 83 3.39 16.69 -6.69
CA PHE E 83 4.60 16.07 -6.14
C PHE E 83 5.73 15.92 -7.15
N PHE E 84 5.36 15.79 -8.42
CA PHE E 84 6.34 15.62 -9.49
C PHE E 84 7.26 16.86 -9.58
N TRP E 85 6.66 18.04 -9.75
CA TRP E 85 7.42 19.28 -9.80
C TRP E 85 8.31 19.39 -8.57
N GLY E 86 7.75 18.95 -7.44
CA GLY E 86 8.42 19.14 -6.17
C GLY E 86 9.63 18.27 -5.99
N ASN E 87 9.66 17.09 -6.59
CA ASN E 87 10.85 16.24 -6.45
C ASN E 87 11.73 16.27 -7.69
N MET E 88 11.69 17.38 -8.42
CA MET E 88 12.78 17.75 -9.31
C MET E 88 13.41 19.11 -8.98
N GLY E 89 14.60 19.35 -9.53
CA GLY E 89 15.17 20.68 -9.52
C GLY E 89 16.40 20.77 -10.41
N PRO E 90 17.07 21.92 -10.45
CA PRO E 90 18.27 22.16 -11.27
C PRO E 90 19.29 21.03 -11.12
N ALA E 91 19.89 20.61 -12.22
CA ALA E 91 20.77 19.44 -12.19
C ALA E 91 21.99 19.65 -11.28
N ASP E 92 22.43 20.89 -11.18
CA ASP E 92 23.64 21.22 -10.43
C ASP E 92 23.34 21.39 -8.95
N GLU E 93 22.07 21.25 -8.57
CA GLU E 93 21.72 21.20 -7.16
C GLU E 93 21.12 19.86 -6.79
N CYS E 94 20.85 19.02 -7.78
CA CYS E 94 20.08 17.81 -7.58
C CYS E 94 20.75 16.62 -8.24
N GLY E 95 19.97 15.57 -8.47
CA GLY E 95 20.55 14.33 -8.94
C GLY E 95 21.35 13.66 -7.85
N GLY E 96 22.38 12.94 -8.22
CA GLY E 96 23.13 12.17 -7.23
C GLY E 96 22.26 11.10 -6.61
N GLU E 97 22.64 10.60 -5.44
CA GLU E 97 21.74 9.73 -4.71
C GLU E 97 21.39 10.23 -3.32
N PRO E 98 20.35 9.65 -2.71
CA PRO E 98 19.87 10.15 -1.43
C PRO E 98 20.78 9.73 -0.27
N SER E 99 20.57 10.36 0.87
CA SER E 99 21.32 10.02 2.07
C SER E 99 20.35 9.93 3.25
N GLY E 100 20.88 9.66 4.43
CA GLY E 100 20.03 9.62 5.60
C GLY E 100 19.16 8.37 5.58
N LYS E 101 18.02 8.45 6.26
CA LYS E 101 17.17 7.29 6.46
C LYS E 101 16.72 6.69 5.14
N LEU E 102 16.30 7.55 4.21
CA LEU E 102 15.91 7.11 2.88
C LEU E 102 16.97 6.23 2.25
N ALA E 103 18.22 6.68 2.30
CA ALA E 103 19.33 5.88 1.79
C ALA E 103 19.37 4.53 2.47
N GLU E 104 19.19 4.52 3.79
CA GLU E 104 19.25 3.28 4.55
C GLU E 104 18.11 2.34 4.17
N TYR E 105 16.91 2.90 3.99
CA TYR E 105 15.77 2.07 3.59
C TYR E 105 15.90 1.53 2.17
N ILE E 106 16.45 2.34 1.26
CA ILE E 106 16.61 1.89 -0.10
C ILE E 106 17.57 0.72 -0.14
N GLU E 107 18.62 0.79 0.68
CA GLU E 107 19.53 -0.34 0.81
C GLU E 107 18.86 -1.58 1.32
N LYS E 108 18.11 -1.48 2.40
CA LYS E 108 17.67 -2.69 3.06
C LYS E 108 16.52 -3.30 2.28
N ASP E 109 15.74 -2.47 1.62
CA ASP E 109 14.61 -2.97 0.86
C ASP E 109 14.98 -3.38 -0.56
N PHE E 110 15.96 -2.73 -1.17
CA PHE E 110 16.33 -3.05 -2.53
C PHE E 110 17.71 -3.67 -2.66
N GLY E 111 18.49 -3.61 -1.59
CA GLY E 111 19.83 -4.15 -1.64
C GLY E 111 20.88 -3.13 -2.01
N SER E 112 20.53 -2.21 -2.90
CA SER E 112 21.44 -1.10 -3.25
C SER E 112 20.64 0.00 -3.92
N PHE E 113 21.25 1.17 -4.05
CA PHE E 113 20.67 2.23 -4.84
C PHE E 113 20.50 1.81 -6.30
N GLU E 114 21.52 1.18 -6.87
CA GLU E 114 21.43 0.72 -8.25
C GLU E 114 20.20 -0.14 -8.48
N ARG E 115 20.01 -1.14 -7.63
CA ARG E 115 18.84 -2.00 -7.77
C ARG E 115 17.56 -1.18 -7.76
N PHE E 116 17.41 -0.30 -6.77
CA PHE E 116 16.27 0.61 -6.71
C PHE E 116 16.11 1.37 -8.01
N ARG E 117 17.17 2.07 -8.40
CA ARG E 117 17.18 2.93 -9.58
C ARG E 117 16.65 2.13 -10.77
N LYS E 118 17.05 0.87 -10.83
CA LYS E 118 16.77 0.05 -11.98
C LYS E 118 15.31 -0.42 -11.96
N GLU E 119 14.87 -0.92 -10.81
CA GLU E 119 13.48 -1.32 -10.65
C GLU E 119 12.53 -0.13 -10.88
N PHE E 120 12.86 1.02 -10.30
CA PHE E 120 12.03 2.20 -10.44
C PHE E 120 11.96 2.58 -11.91
N SER E 121 13.08 2.41 -12.59
CA SER E 121 13.17 2.72 -14.02
C SER E 121 12.35 1.75 -14.88
N GLN E 122 12.37 0.46 -14.55
CA GLN E 122 11.47 -0.46 -15.25
C GLN E 122 10.00 -0.13 -14.98
N ALA E 123 9.70 0.30 -13.77
CA ALA E 123 8.32 0.64 -13.43
C ALA E 123 7.85 1.78 -14.32
N ALA E 124 8.73 2.76 -14.57
CA ALA E 124 8.39 3.88 -15.44
C ALA E 124 8.31 3.44 -16.90
N ILE E 125 9.37 2.80 -17.37
CA ILE E 125 9.45 2.45 -18.79
C ILE E 125 8.32 1.53 -19.23
N SER E 126 7.98 0.55 -18.40
CA SER E 126 7.14 -0.54 -18.86
C SER E 126 5.66 -0.25 -18.71
N ALA E 127 5.30 0.91 -18.17
CA ALA E 127 3.90 1.26 -17.95
C ALA E 127 3.18 1.27 -19.29
N GLU E 128 2.05 0.58 -19.35
CA GLU E 128 1.28 0.51 -20.58
C GLU E 128 0.46 1.78 -20.78
N GLY E 129 0.96 2.66 -21.66
CA GLY E 129 0.28 3.91 -21.94
C GLY E 129 0.58 4.91 -20.86
N SER E 130 -0.37 5.80 -20.60
CA SER E 130 -0.20 6.88 -19.62
C SER E 130 -0.02 6.34 -18.20
N GLY E 131 0.96 6.88 -17.48
CA GLY E 131 1.00 6.60 -16.06
C GLY E 131 2.26 7.08 -15.36
N TRP E 132 2.57 6.50 -14.20
CA TRP E 132 3.56 7.04 -13.28
C TRP E 132 4.30 5.88 -12.63
N ALA E 133 5.55 6.09 -12.27
CA ALA E 133 6.19 5.32 -11.22
C ALA E 133 6.25 6.15 -9.93
N VAL E 134 5.87 5.54 -8.81
CA VAL E 134 5.73 6.23 -7.54
C VAL E 134 6.39 5.42 -6.43
N LEU E 135 7.25 6.06 -5.64
CA LEU E 135 7.79 5.42 -4.45
C LEU E 135 6.92 5.73 -3.24
N THR E 136 6.70 4.73 -2.40
CA THR E 136 5.90 4.91 -1.19
C THR E 136 6.39 3.94 -0.09
N TYR E 137 5.64 3.83 1.00
CA TYR E 137 6.14 3.21 2.22
C TYR E 137 5.01 2.52 2.98
N CYS E 138 5.19 1.24 3.31
CA CYS E 138 4.27 0.52 4.18
C CYS E 138 4.79 0.55 5.62
N GLN E 139 4.39 1.58 6.35
CA GLN E 139 4.20 1.55 7.81
C GLN E 139 4.07 0.14 8.44
N ARG E 140 3.12 -0.65 7.99
CA ARG E 140 2.88 -1.96 8.60
C ARG E 140 4.09 -2.89 8.55
N THR E 141 4.63 -3.12 7.36
CA THR E 141 5.76 -4.03 7.19
C THR E 141 7.11 -3.28 7.16
N ASP E 142 7.05 -1.96 7.26
CA ASP E 142 8.23 -1.11 7.35
C ASP E 142 9.11 -1.24 6.10
N ARG E 143 8.48 -1.23 4.93
CA ARG E 143 9.16 -1.45 3.65
C ARG E 143 8.79 -0.31 2.69
N LEU E 144 9.76 0.14 1.91
CA LEU E 144 9.48 0.94 0.72
C LEU E 144 8.85 0.08 -0.35
N PHE E 145 7.76 0.58 -0.93
CA PHE E 145 7.10 -0.04 -2.08
C PHE E 145 7.23 0.87 -3.30
N ILE E 146 7.32 0.27 -4.48
CA ILE E 146 7.06 1.00 -5.72
C ILE E 146 5.68 0.65 -6.25
N MET E 147 4.92 1.64 -6.71
CA MET E 147 3.71 1.32 -7.46
C MET E 147 3.74 1.89 -8.85
N GLN E 148 3.14 1.17 -9.79
CA GLN E 148 3.03 1.66 -11.16
C GLN E 148 1.60 2.10 -11.42
N VAL E 149 1.37 3.41 -11.41
CA VAL E 149 0.04 3.96 -11.60
C VAL E 149 -0.25 4.13 -13.08
N GLU E 150 -1.35 3.54 -13.56
CA GLU E 150 -1.85 3.86 -14.88
C GLU E 150 -2.80 5.04 -14.80
N LYS E 151 -2.88 5.82 -15.88
CA LYS E 151 -3.50 7.13 -15.80
C LYS E 151 -3.04 7.93 -14.57
N HIS E 152 -3.97 8.44 -13.78
CA HIS E 152 -3.57 9.06 -12.49
C HIS E 152 -4.10 8.33 -11.25
N ASN E 153 -4.67 7.13 -11.42
CA ASN E 153 -5.62 6.63 -10.41
C ASN E 153 -5.93 5.13 -10.57
N VAL E 154 -5.09 4.43 -11.34
CA VAL E 154 -5.25 3.01 -11.49
C VAL E 154 -4.05 2.22 -10.98
N ASN E 155 -4.33 1.13 -10.26
CA ASN E 155 -3.32 0.33 -9.57
C ASN E 155 -2.57 1.14 -8.54
N VAL E 156 -3.32 1.89 -7.74
CA VAL E 156 -2.70 2.56 -6.62
C VAL E 156 -3.28 2.04 -5.32
N ILE E 157 -2.42 1.90 -4.30
CA ILE E 157 -2.82 1.37 -3.02
C ILE E 157 -3.44 2.50 -2.22
N PRO E 158 -4.73 2.42 -1.90
CA PRO E 158 -5.31 3.51 -1.14
C PRO E 158 -4.59 3.74 0.18
N HIS E 159 -4.50 5.00 0.59
CA HIS E 159 -3.98 5.38 1.91
C HIS E 159 -2.46 5.56 1.96
N PHE E 160 -1.73 4.95 1.03
CA PHE E 160 -0.27 5.07 1.00
C PHE E 160 0.19 6.43 0.47
N ARG E 161 1.27 6.96 1.04
CA ARG E 161 1.66 8.35 0.84
C ARG E 161 2.80 8.47 -0.16
N ILE E 162 2.89 9.61 -0.84
CA ILE E 162 3.84 9.78 -1.94
C ILE E 162 5.21 10.26 -1.46
N LEU E 163 6.25 9.57 -1.89
CA LEU E 163 7.61 10.02 -1.60
C LEU E 163 8.29 10.53 -2.86
N LEU E 164 8.22 9.77 -3.94
CA LEU E 164 8.91 10.12 -5.18
C LEU E 164 7.98 9.78 -6.34
N VAL E 165 7.98 10.62 -7.36
CA VAL E 165 7.03 10.49 -8.44
C VAL E 165 7.69 10.80 -9.77
N LEU E 166 7.45 9.97 -10.78
CA LEU E 166 7.95 10.20 -12.15
C LEU E 166 6.86 10.10 -13.21
N ASP E 167 6.51 11.23 -13.83
CA ASP E 167 5.45 11.22 -14.85
C ASP E 167 5.97 10.51 -16.08
N VAL E 168 5.16 9.61 -16.64
CA VAL E 168 5.58 8.91 -17.83
C VAL E 168 4.43 8.82 -18.84
N TRP E 169 3.38 9.61 -18.60
CA TRP E 169 2.52 10.08 -19.67
C TRP E 169 3.38 10.55 -20.86
N GLU E 170 2.92 10.30 -22.07
CA GLU E 170 3.66 10.73 -23.24
C GLU E 170 3.81 12.24 -23.29
N HIS E 171 2.83 13.00 -22.78
CA HIS E 171 2.95 14.46 -22.80
C HIS E 171 4.14 14.98 -21.99
N ALA E 172 4.69 14.14 -21.12
CA ALA E 172 5.78 14.59 -20.28
C ALA E 172 7.13 14.59 -21.01
N TYR E 173 7.22 13.93 -22.15
CA TYR E 173 8.52 13.73 -22.79
C TYR E 173 8.51 13.71 -24.31
N TYR E 174 7.34 13.68 -24.92
CA TYR E 174 7.31 13.44 -26.33
C TYR E 174 7.97 14.57 -27.12
N ILE E 175 7.93 15.79 -26.61
CA ILE E 175 8.56 16.91 -27.28
C ILE E 175 10.08 16.78 -27.31
N ASP E 176 10.67 16.41 -26.18
CA ASP E 176 12.11 16.28 -26.08
C ASP E 176 12.65 14.93 -26.57
N TYR E 177 11.87 13.87 -26.39
CA TYR E 177 12.40 12.53 -26.64
C TYR E 177 11.56 11.69 -27.58
N ARG E 178 10.49 12.28 -28.11
CA ARG E 178 9.55 11.57 -28.96
C ARG E 178 9.19 10.21 -28.32
N ASN E 179 9.38 9.13 -29.05
CA ASN E 179 8.96 7.83 -28.56
C ASN E 179 9.91 7.25 -27.51
N VAL E 180 11.08 7.85 -27.33
CA VAL E 180 12.17 7.16 -26.63
C VAL E 180 12.11 7.37 -25.11
N ARG E 181 11.08 6.80 -24.50
CA ARG E 181 10.80 6.98 -23.09
C ARG E 181 12.01 6.65 -22.18
N PRO E 182 12.79 5.62 -22.55
CA PRO E 182 13.96 5.28 -21.73
C PRO E 182 15.00 6.39 -21.59
N ASP E 183 15.20 7.19 -22.64
CA ASP E 183 16.11 8.32 -22.55
C ASP E 183 15.61 9.38 -21.57
N TYR E 184 14.31 9.65 -21.64
CA TYR E 184 13.69 10.55 -20.68
C TYR E 184 13.81 10.04 -19.25
N VAL E 185 13.48 8.76 -19.01
CA VAL E 185 13.63 8.18 -17.68
C VAL E 185 15.07 8.28 -17.21
N GLU E 186 16.01 8.03 -18.11
CA GLU E 186 17.42 8.14 -17.76
C GLU E 186 17.83 9.59 -17.42
N ALA E 187 17.35 10.54 -18.20
CA ALA E 187 17.61 11.95 -17.91
C ALA E 187 17.08 12.35 -16.52
N PHE E 188 16.00 11.70 -16.10
CA PHE E 188 15.27 12.14 -14.92
C PHE E 188 16.17 12.08 -13.69
N TRP E 189 17.05 11.09 -13.67
CA TRP E 189 17.89 10.85 -12.48
C TRP E 189 18.91 11.97 -12.27
N ASN E 190 19.09 12.80 -13.29
CA ASN E 190 19.93 13.98 -13.18
C ASN E 190 19.28 15.12 -12.42
N ILE E 191 17.95 15.09 -12.30
CA ILE E 191 17.25 16.21 -11.72
C ILE E 191 16.32 15.84 -10.57
N VAL E 192 16.41 14.59 -10.10
CA VAL E 192 15.69 14.21 -8.87
C VAL E 192 16.15 15.08 -7.70
N ASN E 193 15.20 15.69 -7.00
CA ASN E 193 15.49 16.42 -5.79
C ASN E 193 15.40 15.52 -4.55
N TRP E 194 16.51 14.92 -4.14
CA TRP E 194 16.47 13.96 -3.05
C TRP E 194 16.21 14.63 -1.71
N LYS E 195 16.58 15.90 -1.58
CA LYS E 195 16.29 16.65 -0.37
C LYS E 195 14.80 16.56 -0.08
N GLU E 196 14.00 16.84 -1.09
CA GLU E 196 12.54 16.88 -0.93
C GLU E 196 11.97 15.49 -0.60
N VAL E 197 12.44 14.47 -1.32
CA VAL E 197 11.99 13.12 -1.09
C VAL E 197 12.38 12.70 0.31
N GLU E 198 13.64 12.98 0.68
CA GLU E 198 14.09 12.74 2.04
C GLU E 198 13.16 13.37 3.08
N LYS E 199 12.81 14.64 2.87
CA LYS E 199 11.93 15.33 3.78
C LYS E 199 10.57 14.65 3.87
N ARG E 200 9.96 14.39 2.72
CA ARG E 200 8.70 13.65 2.67
C ARG E 200 8.76 12.35 3.45
N PHE E 201 9.87 11.63 3.33
CA PHE E 201 9.98 10.31 3.94
C PHE E 201 10.03 10.43 5.46
N GLU E 202 10.57 11.55 5.94
CA GLU E 202 10.76 11.74 7.37
C GLU E 202 9.44 12.01 8.06
N ASP E 203 8.51 12.62 7.35
CA ASP E 203 7.22 12.96 7.94
C ASP E 203 6.26 11.81 7.99
N ILE E 204 6.71 10.62 7.65
CA ILE E 204 5.92 9.42 7.93
C ILE E 204 6.78 8.36 8.60
N LEU E 205 7.92 8.78 9.14
CA LEU E 205 8.80 7.93 9.93
C LEU E 205 9.23 6.68 9.14
N GLU F 5 4.48 -25.55 -38.23
CA GLU F 5 5.38 -24.52 -37.62
C GLU F 5 4.72 -23.17 -37.36
N LYS F 6 5.31 -22.41 -36.43
CA LYS F 6 4.60 -21.34 -35.74
C LYS F 6 4.54 -20.10 -36.62
N LYS F 7 3.70 -19.13 -36.25
CA LYS F 7 3.54 -17.95 -37.06
C LYS F 7 3.38 -16.72 -36.19
N PHE F 8 3.81 -15.56 -36.69
CA PHE F 8 4.02 -14.39 -35.84
C PHE F 8 3.49 -13.11 -36.47
N TYR F 9 3.49 -12.04 -35.69
CA TYR F 9 3.00 -10.77 -36.17
C TYR F 9 4.08 -10.04 -36.95
N GLU F 10 3.67 -9.30 -37.98
CA GLU F 10 4.57 -8.39 -38.69
C GLU F 10 3.96 -7.00 -38.85
N LEU F 11 4.81 -5.98 -38.88
CA LEU F 11 4.35 -4.64 -39.18
C LEU F 11 3.77 -4.58 -40.58
N PRO F 12 2.46 -4.28 -40.70
CA PRO F 12 1.87 -4.13 -42.02
C PRO F 12 2.35 -2.86 -42.69
N GLU F 13 2.47 -2.91 -44.01
CA GLU F 13 2.77 -1.71 -44.79
C GLU F 13 1.58 -0.77 -44.70
N LEU F 14 1.84 0.54 -44.73
CA LEU F 14 0.77 1.49 -44.94
C LEU F 14 0.18 1.34 -46.35
N PRO F 15 -1.12 1.63 -46.50
CA PRO F 15 -1.81 1.64 -47.79
C PRO F 15 -1.39 2.80 -48.69
N TYR F 16 -0.40 3.58 -48.25
CA TYR F 16 -0.10 4.87 -48.87
C TYR F 16 1.21 5.41 -48.30
N PRO F 17 1.85 6.36 -49.02
CA PRO F 17 3.10 6.98 -48.57
C PRO F 17 2.99 7.82 -47.31
N TYR F 18 4.09 7.92 -46.57
CA TYR F 18 4.05 8.60 -45.28
C TYR F 18 3.62 10.06 -45.33
N ASP F 19 3.57 10.61 -46.52
CA ASP F 19 3.11 12.00 -46.64
C ASP F 19 1.70 12.06 -47.21
N ALA F 20 1.03 10.92 -47.28
CA ALA F 20 -0.24 10.82 -48.04
C ALA F 20 -1.36 11.58 -47.30
N LEU F 21 -1.11 11.93 -46.04
CA LEU F 21 -2.19 12.38 -45.15
C LEU F 21 -2.00 13.81 -44.73
N GLU F 22 -0.96 14.46 -45.23
CA GLU F 22 -0.73 15.87 -44.97
C GLU F 22 -1.83 16.68 -45.63
N PRO F 23 -2.14 17.87 -45.09
CA PRO F 23 -1.48 18.52 -43.97
C PRO F 23 -2.07 18.06 -42.63
N HIS F 24 -2.96 17.08 -42.68
CA HIS F 24 -3.78 16.74 -41.53
C HIS F 24 -3.00 15.91 -40.51
N ILE F 25 -2.35 14.86 -41.01
CA ILE F 25 -1.29 14.21 -40.26
C ILE F 25 0.02 14.31 -41.03
N SER F 26 1.03 14.88 -40.39
CA SER F 26 2.28 15.14 -41.07
C SER F 26 3.08 13.86 -41.34
N ARG F 27 3.99 13.95 -42.29
CA ARG F 27 4.82 12.81 -42.65
C ARG F 27 5.62 12.36 -41.43
N GLU F 28 6.13 13.31 -40.66
CA GLU F 28 6.89 12.99 -39.46
C GLU F 28 6.00 12.25 -38.45
N GLN F 29 4.82 12.82 -38.19
CA GLN F 29 3.87 12.26 -37.26
C GLN F 29 3.54 10.82 -37.63
N LEU F 30 3.26 10.59 -38.92
CA LEU F 30 2.79 9.29 -39.37
C LEU F 30 3.92 8.28 -39.32
N THR F 31 5.13 8.72 -39.63
CA THR F 31 6.25 7.81 -39.79
C THR F 31 6.63 7.19 -38.45
N ILE F 32 6.70 8.02 -37.43
CA ILE F 32 7.05 7.51 -36.11
C ILE F 32 5.91 6.72 -35.40
N HIS F 33 4.65 7.11 -35.59
CA HIS F 33 3.51 6.35 -35.08
C HIS F 33 3.61 4.93 -35.63
N HIS F 34 3.87 4.83 -36.93
CA HIS F 34 3.84 3.53 -37.60
C HIS F 34 5.10 2.72 -37.24
N GLN F 35 6.27 3.35 -37.31
CA GLN F 35 7.53 2.61 -37.33
C GLN F 35 8.06 2.35 -35.95
N LYS F 36 7.66 3.20 -35.01
CA LYS F 36 8.09 3.04 -33.64
C LYS F 36 7.01 2.35 -32.81
N HIS F 37 5.83 2.96 -32.73
CA HIS F 37 4.83 2.46 -31.80
C HIS F 37 4.17 1.20 -32.31
N HIS F 38 3.62 1.24 -33.51
CA HIS F 38 2.91 0.10 -34.04
C HIS F 38 3.89 -1.07 -34.02
N GLN F 39 5.14 -0.79 -34.37
CA GLN F 39 6.19 -1.82 -34.32
C GLN F 39 6.37 -2.39 -32.92
N ALA F 40 6.28 -1.52 -31.91
CA ALA F 40 6.45 -1.95 -30.53
C ALA F 40 5.41 -3.00 -30.14
N TYR F 41 4.18 -2.86 -30.66
CA TYR F 41 3.13 -3.81 -30.33
C TYR F 41 3.34 -5.13 -31.05
N VAL F 42 3.80 -5.07 -32.30
CA VAL F 42 4.25 -6.27 -33.00
C VAL F 42 5.28 -7.02 -32.18
N ASP F 43 6.31 -6.32 -31.73
CA ASP F 43 7.37 -6.99 -30.97
C ASP F 43 6.89 -7.44 -29.59
N GLY F 44 6.04 -6.62 -28.96
CA GLY F 44 5.46 -6.98 -27.69
C GLY F 44 4.73 -8.30 -27.79
N ALA F 45 3.81 -8.37 -28.75
CA ALA F 45 2.99 -9.54 -28.94
C ALA F 45 3.81 -10.76 -29.29
N ASN F 46 4.83 -10.58 -30.13
CA ASN F 46 5.69 -11.72 -30.51
C ASN F 46 6.55 -12.23 -29.37
N ALA F 47 7.16 -11.34 -28.60
CA ALA F 47 7.98 -11.75 -27.45
C ALA F 47 7.13 -12.65 -26.53
N LEU F 48 5.87 -12.28 -26.39
CA LEU F 48 5.00 -12.93 -25.46
C LEU F 48 4.59 -14.27 -26.02
N LEU F 49 4.34 -14.31 -27.33
CA LEU F 49 4.00 -15.57 -27.96
C LEU F 49 5.12 -16.58 -27.76
N ARG F 50 6.36 -16.14 -27.97
CA ARG F 50 7.50 -17.03 -27.81
C ARG F 50 7.62 -17.50 -26.37
N LYS F 51 7.40 -16.59 -25.43
CA LYS F 51 7.44 -16.92 -24.01
C LYS F 51 6.48 -18.06 -23.70
N LEU F 52 5.25 -17.95 -24.20
CA LEU F 52 4.24 -18.96 -23.93
C LEU F 52 4.54 -20.26 -24.66
N ASP F 53 5.09 -20.15 -25.87
CA ASP F 53 5.52 -21.34 -26.60
C ASP F 53 6.61 -22.09 -25.82
N GLU F 54 7.61 -21.33 -25.35
CA GLU F 54 8.68 -21.93 -24.59
C GLU F 54 8.14 -22.69 -23.39
N ALA F 55 7.20 -22.09 -22.68
CA ALA F 55 6.72 -22.69 -21.45
C ALA F 55 6.01 -23.99 -21.76
N ARG F 56 5.35 -24.03 -22.92
CA ARG F 56 4.61 -25.20 -23.33
C ARG F 56 5.54 -26.32 -23.80
N GLU F 57 6.61 -25.95 -24.48
CA GLU F 57 7.56 -26.94 -24.95
C GLU F 57 8.32 -27.56 -23.78
N SER F 58 8.59 -26.77 -22.76
CA SER F 58 9.33 -27.27 -21.61
C SER F 58 8.33 -27.69 -20.53
N ASP F 59 7.05 -27.66 -20.88
CA ASP F 59 5.96 -27.98 -19.96
C ASP F 59 6.12 -27.35 -18.58
N THR F 60 6.51 -26.09 -18.54
CA THR F 60 6.71 -25.39 -17.29
C THR F 60 5.61 -24.36 -17.02
N ASP F 61 5.58 -23.84 -15.80
CA ASP F 61 4.52 -22.94 -15.38
C ASP F 61 4.86 -21.55 -15.91
N VAL F 62 3.83 -20.77 -16.25
CA VAL F 62 3.97 -19.33 -16.39
C VAL F 62 2.95 -18.59 -15.55
N ASP F 63 3.22 -17.32 -15.28
CA ASP F 63 2.22 -16.44 -14.73
C ASP F 63 1.26 -16.01 -15.84
N ILE F 64 0.15 -16.74 -16.00
CA ILE F 64 -0.66 -16.50 -17.17
C ILE F 64 -1.58 -15.29 -17.02
N LYS F 65 -1.90 -14.94 -15.77
CA LYS F 65 -2.58 -13.68 -15.50
C LYS F 65 -1.80 -12.53 -16.13
N ALA F 66 -0.55 -12.40 -15.73
CA ALA F 66 0.31 -11.35 -16.26
C ALA F 66 0.41 -11.46 -17.77
N ALA F 67 0.62 -12.68 -18.25
CA ALA F 67 0.87 -12.95 -19.64
C ALA F 67 -0.31 -12.50 -20.50
N LEU F 68 -1.51 -12.92 -20.10
CA LEU F 68 -2.68 -12.66 -20.90
C LEU F 68 -3.08 -11.19 -20.84
N LYS F 69 -2.84 -10.54 -19.70
CA LYS F 69 -3.10 -9.10 -19.60
C LYS F 69 -2.21 -8.36 -20.59
N GLU F 70 -0.93 -8.71 -20.60
CA GLU F 70 0.01 -8.09 -21.52
C GLU F 70 -0.33 -8.44 -22.97
N LEU F 71 -0.72 -9.68 -23.20
CA LEU F 71 -1.04 -10.13 -24.55
C LEU F 71 -2.20 -9.31 -25.10
N SER F 72 -3.21 -9.07 -24.26
CA SER F 72 -4.38 -8.37 -24.74
C SER F 72 -4.00 -6.93 -25.07
N PHE F 73 -3.03 -6.40 -24.32
CA PHE F 73 -2.53 -5.05 -24.55
C PHE F 73 -1.86 -4.90 -25.92
N HIS F 74 -0.90 -5.78 -26.20
CA HIS F 74 -0.13 -5.66 -27.43
C HIS F 74 -0.89 -6.08 -28.68
N VAL F 75 -1.67 -7.14 -28.57
CA VAL F 75 -2.43 -7.59 -29.72
C VAL F 75 -3.55 -6.60 -30.03
N GLY F 76 -4.11 -6.01 -28.98
CA GLY F 76 -5.03 -4.90 -29.15
C GLY F 76 -4.38 -3.70 -29.82
N GLY F 77 -3.19 -3.33 -29.35
CA GLY F 77 -2.37 -2.36 -30.06
C GLY F 77 -2.18 -2.70 -31.52
N TYR F 78 -1.76 -3.92 -31.79
CA TYR F 78 -1.55 -4.35 -33.17
C TYR F 78 -2.83 -4.24 -34.01
N VAL F 79 -3.92 -4.80 -33.49
CA VAL F 79 -5.17 -4.87 -34.24
C VAL F 79 -5.76 -3.48 -34.52
N LEU F 80 -5.81 -2.62 -33.52
CA LEU F 80 -6.36 -1.29 -33.68
C LEU F 80 -5.56 -0.40 -34.64
N HIS F 81 -4.23 -0.45 -34.56
CA HIS F 81 -3.44 0.35 -35.49
C HIS F 81 -3.68 -0.19 -36.90
N LEU F 82 -3.88 -1.50 -37.01
CA LEU F 82 -4.13 -2.10 -38.31
C LEU F 82 -5.38 -1.51 -38.97
N PHE F 83 -6.49 -1.47 -38.26
CA PHE F 83 -7.72 -0.89 -38.79
C PHE F 83 -7.63 0.62 -38.92
N PHE F 84 -6.82 1.25 -38.08
CA PHE F 84 -6.69 2.70 -38.09
C PHE F 84 -6.08 3.17 -39.43
N TRP F 85 -4.95 2.60 -39.82
CA TRP F 85 -4.31 2.92 -41.09
C TRP F 85 -5.30 2.70 -42.21
N GLY F 86 -6.08 1.63 -42.06
CA GLY F 86 -6.94 1.21 -43.13
C GLY F 86 -8.14 2.12 -43.36
N ASN F 87 -8.62 2.80 -42.32
CA ASN F 87 -9.74 3.71 -42.51
C ASN F 87 -9.31 5.18 -42.54
N MET F 88 -8.08 5.40 -42.99
CA MET F 88 -7.67 6.70 -43.49
C MET F 88 -7.13 6.63 -44.92
N GLY F 89 -7.08 7.79 -45.58
CA GLY F 89 -6.35 7.91 -46.82
C GLY F 89 -6.22 9.37 -47.23
N PRO F 90 -5.65 9.63 -48.42
CA PRO F 90 -5.44 10.98 -48.97
C PRO F 90 -6.72 11.83 -48.88
N ALA F 91 -6.57 13.08 -48.46
CA ALA F 91 -7.73 13.93 -48.23
C ALA F 91 -8.59 14.11 -49.49
N ASP F 92 -7.94 14.12 -50.64
CA ASP F 92 -8.61 14.39 -51.91
C ASP F 92 -9.28 13.14 -52.46
N GLU F 93 -9.13 12.02 -51.78
CA GLU F 93 -9.85 10.81 -52.12
C GLU F 93 -10.82 10.41 -51.02
N CYS F 94 -10.71 11.08 -49.87
CA CYS F 94 -11.40 10.64 -48.67
C CYS F 94 -12.08 11.81 -47.98
N GLY F 95 -12.41 11.63 -46.70
CA GLY F 95 -13.22 12.60 -46.00
C GLY F 95 -14.64 12.55 -46.52
N GLY F 96 -15.33 13.69 -46.51
CA GLY F 96 -16.75 13.70 -46.85
C GLY F 96 -17.56 12.90 -45.85
N GLU F 97 -18.74 12.45 -46.27
CA GLU F 97 -19.47 11.51 -45.44
C GLU F 97 -19.81 10.20 -46.13
N PRO F 98 -20.20 9.19 -45.36
CA PRO F 98 -20.43 7.88 -45.96
C PRO F 98 -21.74 7.82 -46.74
N SER F 99 -21.92 6.76 -47.50
CA SER F 99 -23.16 6.53 -48.22
C SER F 99 -23.59 5.08 -48.08
N GLY F 100 -24.67 4.70 -48.74
CA GLY F 100 -25.10 3.32 -48.68
C GLY F 100 -25.66 2.98 -47.32
N LYS F 101 -25.60 1.70 -46.97
CA LYS F 101 -26.22 1.22 -45.74
C LYS F 101 -25.65 1.93 -44.51
N LEU F 102 -24.33 2.09 -44.49
CA LEU F 102 -23.69 2.77 -43.37
C LEU F 102 -24.32 4.12 -43.14
N ALA F 103 -24.50 4.89 -44.21
CA ALA F 103 -25.17 6.16 -44.13
C ALA F 103 -26.56 6.02 -43.53
N GLU F 104 -27.30 5.00 -43.97
CA GLU F 104 -28.65 4.78 -43.46
C GLU F 104 -28.66 4.41 -41.99
N TYR F 105 -27.71 3.58 -41.57
CA TYR F 105 -27.63 3.23 -40.17
C TYR F 105 -27.22 4.39 -39.28
N ILE F 106 -26.27 5.21 -39.75
CA ILE F 106 -25.85 6.36 -38.98
C ILE F 106 -27.03 7.30 -38.75
N GLU F 107 -27.86 7.46 -39.78
CA GLU F 107 -29.09 8.24 -39.63
C GLU F 107 -30.04 7.69 -38.60
N LYS F 108 -30.37 6.41 -38.70
CA LYS F 108 -31.42 5.88 -37.85
C LYS F 108 -30.93 5.72 -36.42
N ASP F 109 -29.65 5.45 -36.23
CA ASP F 109 -29.12 5.29 -34.90
C ASP F 109 -28.71 6.59 -34.24
N PHE F 110 -28.26 7.56 -35.03
CA PHE F 110 -27.81 8.82 -34.44
C PHE F 110 -28.67 10.00 -34.79
N GLY F 111 -29.56 9.82 -35.76
CA GLY F 111 -30.42 10.92 -36.16
C GLY F 111 -29.86 11.69 -37.35
N SER F 112 -28.54 11.84 -37.40
CA SER F 112 -27.89 12.48 -38.53
C SER F 112 -26.42 12.16 -38.52
N PHE F 113 -25.74 12.45 -39.63
CA PHE F 113 -24.29 12.36 -39.64
C PHE F 113 -23.65 13.31 -38.65
N GLU F 114 -24.15 14.55 -38.59
CA GLU F 114 -23.61 15.52 -37.64
C GLU F 114 -23.60 14.98 -36.24
N ARG F 115 -24.75 14.48 -35.78
CA ARG F 115 -24.85 13.95 -34.43
C ARG F 115 -23.79 12.87 -34.24
N PHE F 116 -23.72 11.91 -35.16
CA PHE F 116 -22.69 10.88 -35.12
C PHE F 116 -21.30 11.48 -35.00
N ARG F 117 -20.98 12.37 -35.93
CA ARG F 117 -19.66 12.98 -36.01
C ARG F 117 -19.32 13.59 -34.67
N LYS F 118 -20.32 14.17 -34.03
CA LYS F 118 -20.09 14.90 -32.80
C LYS F 118 -19.89 13.96 -31.63
N GLU F 119 -20.78 12.97 -31.52
CA GLU F 119 -20.65 11.93 -30.50
C GLU F 119 -19.31 11.19 -30.59
N PHE F 120 -18.94 10.80 -31.80
CA PHE F 120 -17.71 10.07 -32.03
C PHE F 120 -16.53 10.96 -31.64
N SER F 121 -16.68 12.26 -31.90
CA SER F 121 -15.65 13.22 -31.58
C SER F 121 -15.49 13.42 -30.08
N GLN F 122 -16.59 13.45 -29.36
CA GLN F 122 -16.52 13.54 -27.90
C GLN F 122 -15.90 12.25 -27.32
N ALA F 123 -16.22 11.13 -27.94
CA ALA F 123 -15.67 9.84 -27.50
C ALA F 123 -14.16 9.88 -27.60
N ALA F 124 -13.65 10.50 -28.67
CA ALA F 124 -12.21 10.62 -28.88
C ALA F 124 -11.63 11.62 -27.90
N ILE F 125 -12.19 12.82 -27.90
CA ILE F 125 -11.60 13.91 -27.13
C ILE F 125 -11.59 13.61 -25.64
N SER F 126 -12.68 13.07 -25.13
CA SER F 126 -12.83 12.95 -23.69
C SER F 126 -12.11 11.74 -23.04
N ALA F 127 -11.47 10.89 -23.85
CA ALA F 127 -10.87 9.67 -23.33
C ALA F 127 -9.76 10.04 -22.36
N GLU F 128 -9.78 9.43 -21.18
CA GLU F 128 -8.82 9.80 -20.14
C GLU F 128 -7.50 9.08 -20.41
N GLY F 129 -6.51 9.84 -20.87
CA GLY F 129 -5.23 9.28 -21.23
C GLY F 129 -5.30 8.57 -22.56
N SER F 130 -4.49 7.54 -22.71
CA SER F 130 -4.36 6.80 -23.96
C SER F 130 -5.64 6.06 -24.30
N GLY F 131 -6.06 6.10 -25.56
CA GLY F 131 -7.16 5.27 -25.98
C GLY F 131 -7.68 5.59 -27.36
N TRP F 132 -8.90 5.13 -27.65
CA TRP F 132 -9.44 5.10 -29.01
C TRP F 132 -10.93 5.41 -28.96
N ALA F 133 -11.46 6.02 -30.01
CA ALA F 133 -12.87 5.88 -30.32
C ALA F 133 -13.08 4.88 -31.46
N VAL F 134 -14.03 3.98 -31.27
CA VAL F 134 -14.26 2.88 -32.20
C VAL F 134 -15.74 2.74 -32.53
N LEU F 135 -16.07 2.67 -33.81
CA LEU F 135 -17.45 2.38 -34.21
C LEU F 135 -17.63 0.89 -34.40
N THR F 136 -18.76 0.35 -33.93
CA THR F 136 -19.05 -1.07 -34.07
C THR F 136 -20.58 -1.27 -34.19
N TYR F 137 -21.03 -2.53 -34.13
CA TYR F 137 -22.39 -2.87 -34.53
C TYR F 137 -22.92 -4.04 -33.70
N CYS F 138 -24.09 -3.88 -33.09
CA CYS F 138 -24.78 -4.98 -32.43
C CYS F 138 -25.82 -5.58 -33.36
N GLN F 139 -25.39 -6.56 -34.15
CA GLN F 139 -26.20 -7.69 -34.60
C GLN F 139 -27.52 -7.91 -33.83
N ARG F 140 -27.46 -8.10 -32.52
CA ARG F 140 -28.66 -8.45 -31.74
C ARG F 140 -29.74 -7.38 -31.83
N THR F 141 -29.40 -6.14 -31.53
CA THR F 141 -30.37 -5.03 -31.52
C THR F 141 -30.32 -4.24 -32.81
N ASP F 142 -29.41 -4.61 -33.70
CA ASP F 142 -29.33 -4.02 -35.04
C ASP F 142 -28.97 -2.51 -34.96
N ARG F 143 -28.01 -2.19 -34.09
CA ARG F 143 -27.67 -0.80 -33.79
C ARG F 143 -26.16 -0.60 -33.94
N LEU F 144 -25.76 0.54 -34.50
CA LEU F 144 -24.39 0.98 -34.39
C LEU F 144 -24.08 1.44 -32.96
N PHE F 145 -22.97 0.95 -32.39
CA PHE F 145 -22.48 1.40 -31.09
C PHE F 145 -21.15 2.11 -31.26
N ILE F 146 -20.91 3.10 -30.41
CA ILE F 146 -19.56 3.62 -30.22
C ILE F 146 -18.98 3.07 -28.91
N MET F 147 -17.72 2.65 -28.93
CA MET F 147 -17.03 2.39 -27.68
C MET F 147 -15.80 3.24 -27.51
N GLN F 148 -15.51 3.57 -26.26
CA GLN F 148 -14.32 4.37 -25.94
C GLN F 148 -13.31 3.45 -25.26
N VAL F 149 -12.30 3.03 -26.02
CA VAL F 149 -11.31 2.09 -25.51
C VAL F 149 -10.18 2.85 -24.83
N GLU F 150 -9.92 2.52 -23.58
CA GLU F 150 -8.71 3.00 -22.93
C GLU F 150 -7.56 2.04 -23.19
N LYS F 151 -6.34 2.57 -23.20
CA LYS F 151 -5.22 1.82 -23.77
C LYS F 151 -5.59 1.14 -25.09
N HIS F 152 -5.39 -0.16 -25.20
CA HIS F 152 -5.81 -0.86 -26.40
C HIS F 152 -6.87 -1.95 -26.12
N ASN F 153 -7.40 -2.00 -24.90
CA ASN F 153 -7.98 -3.24 -24.40
C ASN F 153 -8.85 -3.05 -23.15
N VAL F 154 -9.20 -1.80 -22.85
CA VAL F 154 -10.07 -1.51 -21.71
C VAL F 154 -11.39 -0.87 -22.12
N ASN F 155 -12.47 -1.33 -21.50
CA ASN F 155 -13.83 -0.89 -21.87
C ASN F 155 -14.15 -1.28 -23.32
N VAL F 156 -13.81 -2.49 -23.71
CA VAL F 156 -14.25 -2.96 -25.01
C VAL F 156 -15.19 -4.14 -24.87
N ILE F 157 -16.21 -4.17 -25.72
CA ILE F 157 -17.19 -5.23 -25.67
C ILE F 157 -16.64 -6.44 -26.42
N PRO F 158 -16.40 -7.56 -25.70
CA PRO F 158 -15.89 -8.73 -26.40
C PRO F 158 -16.80 -9.16 -27.53
N HIS F 159 -16.18 -9.62 -28.62
CA HIS F 159 -16.89 -10.22 -29.75
C HIS F 159 -17.36 -9.20 -30.82
N PHE F 160 -17.48 -7.93 -30.45
CA PHE F 160 -17.93 -6.91 -31.39
C PHE F 160 -16.84 -6.50 -32.37
N ARG F 161 -17.21 -6.26 -33.63
CA ARG F 161 -16.22 -6.13 -34.70
C ARG F 161 -15.97 -4.68 -35.06
N ILE F 162 -14.81 -4.38 -35.61
CA ILE F 162 -14.39 -3.01 -35.83
C ILE F 162 -14.86 -2.47 -37.18
N LEU F 163 -15.50 -1.31 -37.14
CA LEU F 163 -15.87 -0.61 -38.37
C LEU F 163 -14.98 0.61 -38.62
N LEU F 164 -14.84 1.46 -37.61
CA LEU F 164 -14.12 2.73 -37.74
C LEU F 164 -13.31 2.94 -36.46
N VAL F 165 -12.10 3.47 -36.59
CA VAL F 165 -11.19 3.56 -35.48
C VAL F 165 -10.39 4.85 -35.52
N LEU F 166 -10.28 5.52 -34.37
CA LEU F 166 -9.52 6.75 -34.29
C LEU F 166 -8.56 6.73 -33.09
N ASP F 167 -7.26 6.68 -33.36
CA ASP F 167 -6.26 6.62 -32.29
C ASP F 167 -6.21 7.99 -31.61
N VAL F 168 -6.20 7.98 -30.28
CA VAL F 168 -6.14 9.23 -29.56
C VAL F 168 -5.15 9.16 -28.39
N TRP F 169 -4.36 8.08 -28.35
CA TRP F 169 -3.05 8.09 -27.71
C TRP F 169 -2.36 9.38 -28.07
N GLU F 170 -1.62 9.94 -27.12
CA GLU F 170 -0.90 11.17 -27.36
C GLU F 170 0.16 11.02 -28.46
N HIS F 171 0.76 9.83 -28.57
CA HIS F 171 1.74 9.63 -29.64
C HIS F 171 1.17 9.81 -31.06
N ALA F 172 -0.14 9.77 -31.19
CA ALA F 172 -0.75 9.88 -32.50
C ALA F 172 -0.81 11.31 -33.01
N TYR F 173 -0.62 12.30 -32.13
CA TYR F 173 -0.86 13.70 -32.53
C TYR F 173 0.05 14.72 -31.87
N TYR F 174 0.84 14.31 -30.90
CA TYR F 174 1.53 15.31 -30.09
C TYR F 174 2.55 16.10 -30.92
N ILE F 175 3.12 15.47 -31.95
CA ILE F 175 4.09 16.14 -32.77
C ILE F 175 3.42 17.23 -33.57
N ASP F 176 2.26 16.94 -34.16
CA ASP F 176 1.57 17.93 -35.00
C ASP F 176 0.70 18.91 -34.21
N TYR F 177 0.12 18.45 -33.10
CA TYR F 177 -0.87 19.27 -32.41
C TYR F 177 -0.58 19.50 -30.94
N ARG F 178 0.56 18.96 -30.47
CA ARG F 178 0.92 19.05 -29.05
C ARG F 178 -0.29 18.64 -28.19
N ASN F 179 -0.69 19.50 -27.27
CA ASN F 179 -1.75 19.14 -26.36
C ASN F 179 -3.14 19.20 -26.98
N VAL F 180 -3.26 19.76 -28.17
CA VAL F 180 -4.57 20.20 -28.63
C VAL F 180 -5.31 19.10 -29.39
N ARG F 181 -5.67 18.05 -28.65
CA ARG F 181 -6.31 16.87 -29.20
C ARG F 181 -7.54 17.17 -30.08
N PRO F 182 -8.33 18.17 -29.70
CA PRO F 182 -9.49 18.52 -30.53
C PRO F 182 -9.17 18.92 -31.96
N ASP F 183 -8.04 19.61 -32.17
CA ASP F 183 -7.66 19.97 -33.54
C ASP F 183 -7.32 18.72 -34.36
N TYR F 184 -6.64 17.78 -33.72
CA TYR F 184 -6.32 16.52 -34.35
C TYR F 184 -7.58 15.73 -34.68
N VAL F 185 -8.49 15.60 -33.71
CA VAL F 185 -9.76 14.95 -33.99
C VAL F 185 -10.51 15.62 -35.12
N GLU F 186 -10.49 16.96 -35.15
CA GLU F 186 -11.14 17.69 -36.23
C GLU F 186 -10.49 17.40 -37.59
N ALA F 187 -9.16 17.42 -37.62
CA ALA F 187 -8.44 17.14 -38.87
C ALA F 187 -8.78 15.73 -39.41
N PHE F 188 -9.08 14.81 -38.49
CA PHE F 188 -9.22 13.41 -38.84
C PHE F 188 -10.34 13.21 -39.84
N TRP F 189 -11.40 14.00 -39.72
CA TRP F 189 -12.56 13.81 -40.57
C TRP F 189 -12.28 14.16 -42.04
N ASN F 190 -11.15 14.83 -42.28
CA ASN F 190 -10.71 15.12 -43.62
C ASN F 190 -10.11 13.91 -44.32
N ILE F 191 -9.69 12.92 -43.55
CA ILE F 191 -8.98 11.79 -44.13
C ILE F 191 -9.61 10.42 -43.80
N VAL F 192 -10.81 10.43 -43.23
CA VAL F 192 -11.54 9.17 -43.07
C VAL F 192 -11.81 8.51 -44.41
N ASN F 193 -11.47 7.23 -44.52
CA ASN F 193 -11.76 6.45 -45.72
C ASN F 193 -13.09 5.73 -45.57
N TRP F 194 -14.19 6.39 -45.98
CA TRP F 194 -15.50 5.81 -45.80
C TRP F 194 -15.72 4.58 -46.66
N LYS F 195 -15.04 4.51 -47.80
CA LYS F 195 -15.12 3.32 -48.65
C LYS F 195 -14.82 2.09 -47.81
N GLU F 196 -13.71 2.13 -47.09
CA GLU F 196 -13.23 1.00 -46.32
C GLU F 196 -14.20 0.67 -45.18
N VAL F 197 -14.69 1.71 -44.50
CA VAL F 197 -15.58 1.49 -43.37
C VAL F 197 -16.89 0.91 -43.89
N GLU F 198 -17.39 1.48 -44.98
CA GLU F 198 -18.52 0.91 -45.69
C GLU F 198 -18.33 -0.57 -46.01
N LYS F 199 -17.16 -0.93 -46.53
CA LYS F 199 -16.90 -2.31 -46.87
C LYS F 199 -16.94 -3.20 -45.62
N ARG F 200 -16.21 -2.80 -44.59
CA ARG F 200 -16.23 -3.52 -43.32
C ARG F 200 -17.65 -3.73 -42.81
N PHE F 201 -18.50 -2.71 -42.96
CA PHE F 201 -19.83 -2.77 -42.37
C PHE F 201 -20.69 -3.77 -43.13
N GLU F 202 -20.39 -3.96 -44.42
CA GLU F 202 -21.18 -4.85 -45.25
C GLU F 202 -20.91 -6.31 -44.93
N ASP F 203 -19.69 -6.62 -44.50
CA ASP F 203 -19.33 -8.00 -44.21
C ASP F 203 -19.82 -8.47 -42.85
N ILE F 204 -20.61 -7.66 -42.16
CA ILE F 204 -21.35 -8.16 -41.01
C ILE F 204 -22.82 -7.81 -41.09
N LEU F 205 -23.27 -7.44 -42.29
CA LEU F 205 -24.69 -7.19 -42.56
C LEU F 205 -25.24 -6.11 -41.64
#